data_6S2X
#
_entry.id   6S2X
#
_cell.length_a   97.370
_cell.length_b   56.640
_cell.length_c   128.960
_cell.angle_alpha   90.000
_cell.angle_beta   93.790
_cell.angle_gamma   90.000
#
_symmetry.space_group_name_H-M   'C 1 2 1'
#
loop_
_entity.id
_entity.type
_entity.pdbx_description
1 polymer ChiA
2 non-polymer (4S)-2-METHYL-2,4-PENTANEDIOL
3 non-polymer (4R)-2-METHYLPENTANE-2,4-DIOL
4 water water
#
_entity_poly.entity_id   1
_entity_poly.type   'polypeptide(L)'
_entity_poly.pdbx_seq_one_letter_code
;MAHHHHHHVDDDDKMVTAAKGRIIGYVPGWKTPPAAQELASAGYTHVMIAFGVFSTNTPGVIVPAFETITKEYIQSLHQA
GIKVILSLGGALTSIPNTTVDFHQVLVASSSPEAFKQTFINSLKELISQYGFDGFDTDIEHGINASGSFSQPQGDIAVLA
SIINTMYSQNSSLLITLTPQVANIAATSGFDQTWGNYASLIMQTHQSLAWVGIQLYNTGCAFGIDQVCYGPTPTDTPDFS
VAMATDLLENWPATVNGRPTGFQPYISYLRPSQIVIGYPSPNASGGSDGSPVTPTTTIKRAIQCLKTAIAGNTSCGVYVP
PRAYGNIGGVFNWEVTYDKNNQFKFAKELKNCAINGVCE
;
_entity_poly.pdbx_strand_id   AAA,BBB
#
# COMPACT_ATOMS: atom_id res chain seq x y z
N GLY A 21 4.47 -15.41 -9.27
CA GLY A 21 3.53 -16.19 -8.45
C GLY A 21 4.15 -16.66 -7.15
N ARG A 22 3.49 -17.61 -6.49
CA ARG A 22 3.74 -17.92 -5.07
C ARG A 22 3.80 -19.44 -4.85
N ILE A 23 4.66 -19.86 -3.95
CA ILE A 23 4.64 -21.22 -3.36
C ILE A 23 4.38 -21.03 -1.87
N ILE A 24 3.22 -21.49 -1.44
CA ILE A 24 2.66 -21.21 -0.09
C ILE A 24 2.68 -22.51 0.69
N GLY A 25 3.19 -22.46 1.92
CA GLY A 25 3.17 -23.64 2.80
C GLY A 25 2.47 -23.36 4.10
N TYR A 26 1.53 -24.23 4.47
CA TYR A 26 0.94 -24.22 5.83
C TYR A 26 1.93 -24.85 6.81
N VAL A 27 2.13 -24.16 7.93
CA VAL A 27 3.05 -24.57 9.01
C VAL A 27 2.22 -24.87 10.24
N PRO A 28 2.01 -26.15 10.61
CA PRO A 28 1.25 -26.48 11.81
C PRO A 28 1.94 -25.97 13.07
N GLY A 29 1.19 -25.29 13.92
CA GLY A 29 1.73 -24.68 15.15
C GLY A 29 1.86 -25.66 16.29
N TRP A 30 1.58 -26.94 16.03
CA TRP A 30 1.68 -28.03 17.04
C TRP A 30 2.80 -29.00 16.66
N LYS A 31 3.54 -28.71 15.58
CA LYS A 31 4.70 -29.52 15.14
C LYS A 31 5.93 -28.62 15.04
N THR A 32 7.13 -29.19 15.21
CA THR A 32 8.38 -28.43 14.98
C THR A 32 8.39 -27.98 13.53
N PRO A 33 8.56 -26.67 13.27
CA PRO A 33 8.53 -26.15 11.91
C PRO A 33 9.88 -26.39 11.21
N PRO A 34 9.88 -26.55 9.87
CA PRO A 34 11.14 -26.65 9.13
C PRO A 34 11.93 -25.33 9.25
N ALA A 35 13.25 -25.42 9.18
CA ALA A 35 14.15 -24.25 9.22
C ALA A 35 13.81 -23.30 8.06
N ALA A 36 13.91 -22.00 8.29
CA ALA A 36 13.60 -20.98 7.26
C ALA A 36 14.49 -21.20 6.01
N GLN A 37 15.77 -21.53 6.18
CA GLN A 37 16.69 -21.70 5.02
C GLN A 37 16.25 -22.90 4.17
N GLU A 38 15.80 -23.99 4.78
CA GLU A 38 15.24 -25.20 4.09
C GLU A 38 14.03 -24.78 3.24
N LEU A 39 13.10 -24.04 3.83
CA LEU A 39 11.87 -23.58 3.14
C LEU A 39 12.24 -22.64 1.98
N ALA A 40 13.09 -21.64 2.21
CA ALA A 40 13.50 -20.67 1.18
C ALA A 40 14.22 -21.39 0.03
N SER A 41 15.14 -22.32 0.32
CA SER A 41 15.91 -23.09 -0.69
C SER A 41 14.96 -23.92 -1.54
N ALA A 42 13.92 -24.48 -0.95
CA ALA A 42 12.90 -25.32 -1.62
C ALA A 42 12.06 -24.47 -2.59
N GLY A 43 11.94 -23.17 -2.34
CA GLY A 43 11.19 -22.25 -3.22
C GLY A 43 10.00 -21.60 -2.56
N TYR A 44 9.72 -21.86 -1.27
CA TYR A 44 8.57 -21.23 -0.57
C TYR A 44 8.73 -19.71 -0.55
N THR A 45 7.65 -18.99 -0.86
CA THR A 45 7.58 -17.52 -0.84
C THR A 45 6.73 -17.04 0.34
N HIS A 46 5.79 -17.87 0.78
CA HIS A 46 4.82 -17.52 1.84
C HIS A 46 4.62 -18.71 2.75
N VAL A 47 4.50 -18.47 4.04
CA VAL A 47 4.04 -19.54 4.96
C VAL A 47 2.87 -19.03 5.77
N MET A 48 2.03 -19.98 6.12
CA MET A 48 0.75 -19.74 6.78
C MET A 48 0.85 -20.44 8.13
N ILE A 49 0.83 -19.69 9.23
CA ILE A 49 0.92 -20.29 10.60
C ILE A 49 -0.47 -20.71 11.04
N ALA A 50 -0.64 -22.01 11.33
CA ALA A 50 -1.91 -22.64 11.73
C ALA A 50 -1.87 -22.95 13.22
N PHE A 51 -2.73 -22.33 14.06
CA PHE A 51 -3.85 -21.45 13.74
C PHE A 51 -4.08 -20.48 14.92
N GLY A 52 -4.74 -19.36 14.64
CA GLY A 52 -5.45 -18.58 15.65
C GLY A 52 -6.87 -19.07 15.77
N VAL A 53 -7.33 -19.29 16.99
CA VAL A 53 -8.71 -19.77 17.26
C VAL A 53 -9.42 -18.69 18.07
N PHE A 54 -10.68 -18.91 18.42
CA PHE A 54 -11.54 -17.83 18.97
C PHE A 54 -11.86 -18.10 20.45
N SER A 55 -11.56 -17.13 21.29
CA SER A 55 -11.92 -17.12 22.72
C SER A 55 -13.44 -17.18 22.83
N THR A 56 -13.97 -18.08 23.66
CA THR A 56 -15.41 -18.14 23.98
C THR A 56 -15.74 -17.19 25.14
N ASN A 57 -14.73 -16.66 25.86
CA ASN A 57 -14.98 -15.84 27.08
C ASN A 57 -14.87 -14.35 26.79
N THR A 58 -14.02 -13.96 25.85
CA THR A 58 -13.92 -12.57 25.36
C THR A 58 -14.22 -12.63 23.88
N PRO A 59 -15.52 -12.65 23.48
CA PRO A 59 -15.89 -12.81 22.09
C PRO A 59 -15.20 -11.75 21.23
N GLY A 60 -14.44 -12.21 20.24
CA GLY A 60 -13.68 -11.34 19.32
C GLY A 60 -12.18 -11.54 19.51
N VAL A 61 -11.77 -11.99 20.68
CA VAL A 61 -10.32 -12.25 20.94
C VAL A 61 -9.92 -13.52 20.20
N ILE A 62 -8.76 -13.40 19.55
CA ILE A 62 -8.08 -14.51 18.84
C ILE A 62 -7.00 -15.05 19.79
N VAL A 63 -7.09 -16.36 20.05
CA VAL A 63 -6.18 -17.10 20.94
C VAL A 63 -5.18 -17.82 20.04
N PRO A 64 -3.86 -17.53 20.19
CA PRO A 64 -2.87 -18.22 19.37
C PRO A 64 -2.83 -19.70 19.77
N ALA A 65 -2.92 -20.59 18.79
CA ALA A 65 -2.74 -22.05 18.95
C ALA A 65 -1.57 -22.46 18.06
N PHE A 66 -0.40 -21.89 18.29
CA PHE A 66 0.84 -22.24 17.55
C PHE A 66 2.04 -22.19 18.49
N GLU A 67 2.03 -23.06 19.51
CA GLU A 67 3.04 -23.06 20.59
C GLU A 67 4.44 -23.33 20.03
N THR A 68 4.57 -24.01 18.91
CA THR A 68 5.89 -24.38 18.32
C THR A 68 6.47 -23.22 17.51
N ILE A 69 5.69 -22.16 17.31
CA ILE A 69 6.05 -21.02 16.42
C ILE A 69 6.36 -19.79 17.28
N THR A 70 7.61 -19.32 17.25
CA THR A 70 8.09 -18.16 18.04
C THR A 70 8.23 -16.94 17.14
N LYS A 71 8.25 -15.75 17.74
CA LYS A 71 8.56 -14.50 17.01
C LYS A 71 9.98 -14.60 16.41
N GLU A 72 10.90 -15.31 17.07
CA GLU A 72 12.30 -15.48 16.57
C GLU A 72 12.26 -16.32 15.28
N TYR A 73 11.46 -17.39 15.27
CA TYR A 73 11.30 -18.25 14.08
C TYR A 73 10.71 -17.42 12.93
N ILE A 74 9.69 -16.63 13.21
CA ILE A 74 9.07 -15.73 12.18
C ILE A 74 10.14 -14.73 11.68
N GLN A 75 10.98 -14.21 12.57
CA GLN A 75 12.09 -13.32 12.14
C GLN A 75 12.99 -14.09 11.15
N SER A 76 13.27 -15.38 11.43
CA SER A 76 14.16 -16.23 10.58
CA SER A 76 14.17 -16.22 10.58
C SER A 76 13.55 -16.38 9.18
N LEU A 77 12.24 -16.53 9.13
CA LEU A 77 11.51 -16.60 7.83
C LEU A 77 11.70 -15.28 7.07
N HIS A 78 11.51 -14.14 7.74
CA HIS A 78 11.65 -12.81 7.11
C HIS A 78 13.09 -12.63 6.62
N GLN A 79 14.07 -13.08 7.39
CA GLN A 79 15.51 -12.95 7.02
C GLN A 79 15.78 -13.77 5.74
N ALA A 80 15.03 -14.85 5.51
CA ALA A 80 15.14 -15.73 4.32
C ALA A 80 14.26 -15.22 3.17
N GLY A 81 13.53 -14.12 3.37
CA GLY A 81 12.72 -13.46 2.33
C GLY A 81 11.31 -14.03 2.21
N ILE A 82 10.85 -14.82 3.17
CA ILE A 82 9.49 -15.44 3.18
C ILE A 82 8.51 -14.55 3.93
N LYS A 83 7.31 -14.37 3.39
CA LYS A 83 6.21 -13.67 4.07
C LYS A 83 5.45 -14.66 4.96
N VAL A 84 4.89 -14.16 6.05
CA VAL A 84 4.32 -14.99 7.13
C VAL A 84 2.92 -14.49 7.45
N ILE A 85 1.95 -15.36 7.27
CA ILE A 85 0.51 -14.99 7.41
C ILE A 85 -0.07 -15.83 8.54
N LEU A 86 -0.89 -15.21 9.39
CA LEU A 86 -1.60 -15.90 10.48
C LEU A 86 -2.91 -16.49 9.96
N SER A 87 -3.05 -17.81 10.01
CA SER A 87 -4.29 -18.50 9.56
C SER A 87 -5.27 -18.59 10.73
N LEU A 88 -6.48 -18.16 10.52
CA LEU A 88 -7.55 -18.17 11.54
C LEU A 88 -8.53 -19.29 11.24
N GLY A 89 -9.01 -19.94 12.31
CA GLY A 89 -10.07 -20.95 12.23
C GLY A 89 -9.49 -22.35 12.32
N GLY A 90 -9.49 -23.06 11.20
CA GLY A 90 -9.11 -24.49 11.17
C GLY A 90 -10.28 -25.40 11.50
N ALA A 91 -9.99 -26.69 11.63
CA ALA A 91 -10.99 -27.77 11.70
C ALA A 91 -11.47 -27.90 13.15
N LEU A 92 -10.59 -27.79 14.13
CA LEU A 92 -10.99 -27.95 15.55
C LEU A 92 -10.00 -27.29 16.50
N THR A 93 -10.39 -27.21 17.78
CA THR A 93 -9.50 -26.70 18.84
C THR A 93 -9.56 -27.64 20.04
N SER A 94 -8.45 -27.77 20.77
CA SER A 94 -8.37 -28.49 22.06
C SER A 94 -8.03 -27.52 23.19
N ILE A 95 -7.98 -26.21 22.92
CA ILE A 95 -7.69 -25.23 24.01
C ILE A 95 -9.03 -24.97 24.70
N PRO A 96 -9.12 -25.17 26.03
CA PRO A 96 -10.36 -24.86 26.74
C PRO A 96 -10.81 -23.41 26.47
N ASN A 97 -12.12 -23.22 26.43
CA ASN A 97 -12.76 -21.89 26.26
C ASN A 97 -12.29 -21.30 24.93
N THR A 98 -12.20 -22.13 23.90
CA THR A 98 -11.98 -21.65 22.51
C THR A 98 -12.91 -22.40 21.59
N THR A 99 -13.13 -21.83 20.41
CA THR A 99 -13.91 -22.46 19.33
C THR A 99 -13.28 -22.07 18.00
N VAL A 100 -13.57 -22.85 16.96
CA VAL A 100 -13.19 -22.52 15.57
C VAL A 100 -14.45 -22.07 14.83
N ASP A 101 -15.55 -21.87 15.54
CA ASP A 101 -16.86 -21.45 14.96
C ASP A 101 -16.99 -19.92 15.09
N PHE A 102 -16.91 -19.21 13.97
CA PHE A 102 -16.96 -17.72 13.94
C PHE A 102 -18.31 -17.20 14.44
N HIS A 103 -19.41 -17.68 13.86
CA HIS A 103 -20.79 -17.29 14.27
C HIS A 103 -20.94 -17.40 15.80
N GLN A 104 -20.47 -18.50 16.35
CA GLN A 104 -20.65 -18.79 17.80
C GLN A 104 -20.13 -17.59 18.61
N VAL A 105 -18.95 -17.09 18.31
CA VAL A 105 -18.33 -15.99 19.09
C VAL A 105 -18.94 -14.64 18.66
N LEU A 106 -19.36 -14.47 17.41
CA LEU A 106 -20.03 -13.22 16.98
C LEU A 106 -21.32 -13.02 17.79
N VAL A 107 -22.12 -14.08 17.94
CA VAL A 107 -23.43 -13.96 18.65
C VAL A 107 -23.22 -13.94 20.18
N ALA A 108 -22.06 -14.38 20.67
CA ALA A 108 -21.74 -14.35 22.12
C ALA A 108 -21.42 -12.91 22.53
N SER A 109 -21.00 -12.09 21.57
CA SER A 109 -20.61 -10.67 21.82
C SER A 109 -21.84 -9.86 22.22
N SER A 110 -21.64 -8.74 22.92
CA SER A 110 -22.73 -7.81 23.30
C SER A 110 -23.34 -7.20 22.04
N SER A 111 -22.58 -7.04 20.97
CA SER A 111 -23.07 -6.50 19.68
C SER A 111 -22.10 -6.87 18.58
N PRO A 112 -22.57 -6.92 17.32
CA PRO A 112 -21.66 -7.12 16.19
C PRO A 112 -20.57 -6.04 16.13
N GLU A 113 -20.88 -4.80 16.51
CA GLU A 113 -19.87 -3.70 16.51
C GLU A 113 -18.80 -3.97 17.56
N ALA A 114 -19.17 -4.38 18.76
CA ALA A 114 -18.21 -4.72 19.84
C ALA A 114 -17.33 -5.89 19.36
N PHE A 115 -17.95 -6.91 18.77
CA PHE A 115 -17.22 -8.07 18.23
C PHE A 115 -16.17 -7.60 17.22
N LYS A 116 -16.58 -6.81 16.21
CA LYS A 116 -15.67 -6.31 15.14
C LYS A 116 -14.51 -5.57 15.78
N GLN A 117 -14.77 -4.67 16.74
CA GLN A 117 -13.69 -3.84 17.35
C GLN A 117 -12.72 -4.76 18.09
N THR A 118 -13.26 -5.69 18.89
CA THR A 118 -12.46 -6.66 19.68
C THR A 118 -11.62 -7.52 18.72
N PHE A 119 -12.23 -8.02 17.64
CA PHE A 119 -11.55 -8.92 16.68
C PHE A 119 -10.38 -8.17 16.01
N ILE A 120 -10.66 -6.96 15.53
CA ILE A 120 -9.65 -6.12 14.84
C ILE A 120 -8.51 -5.83 15.81
N ASN A 121 -8.83 -5.42 17.05
CA ASN A 121 -7.79 -5.05 18.04
C ASN A 121 -6.94 -6.28 18.34
N SER A 122 -7.60 -7.42 18.57
CA SER A 122 -6.92 -8.69 18.92
C SER A 122 -6.02 -9.13 17.76
N LEU A 123 -6.53 -9.08 16.54
CA LEU A 123 -5.75 -9.44 15.34
C LEU A 123 -4.56 -8.48 15.17
N LYS A 124 -4.76 -7.17 15.35
CA LYS A 124 -3.64 -6.20 15.27
C LYS A 124 -2.57 -6.52 16.32
N GLU A 125 -2.99 -6.84 17.55
CA GLU A 125 -2.08 -7.20 18.67
C GLU A 125 -1.23 -8.41 18.28
N LEU A 126 -1.84 -9.47 17.76
CA LEU A 126 -1.10 -10.70 17.36
C LEU A 126 -0.16 -10.37 16.20
N ILE A 127 -0.62 -9.59 15.23
CA ILE A 127 0.20 -9.20 14.04
C ILE A 127 1.44 -8.44 14.53
N SER A 128 1.26 -7.48 15.44
CA SER A 128 2.36 -6.65 15.98
C SER A 128 3.31 -7.52 16.82
N GLN A 129 2.75 -8.35 17.70
CA GLN A 129 3.52 -9.16 18.68
C GLN A 129 4.42 -10.15 17.93
N TYR A 130 3.91 -10.79 16.88
CA TYR A 130 4.61 -11.90 16.18
C TYR A 130 5.29 -11.44 14.89
N GLY A 131 4.94 -10.26 14.37
CA GLY A 131 5.48 -9.73 13.09
C GLY A 131 4.84 -10.38 11.88
N PHE A 132 3.55 -10.72 11.95
CA PHE A 132 2.83 -11.27 10.77
C PHE A 132 2.71 -10.19 9.68
N ASP A 133 2.65 -10.64 8.42
CA ASP A 133 2.47 -9.78 7.21
C ASP A 133 0.99 -9.71 6.81
N GLY A 134 0.15 -10.48 7.50
CA GLY A 134 -1.28 -10.53 7.17
C GLY A 134 -1.95 -11.70 7.85
N PHE A 135 -3.15 -12.01 7.41
CA PHE A 135 -3.95 -13.08 8.01
C PHE A 135 -4.76 -13.77 6.92
N ASP A 136 -5.05 -15.04 7.22
CA ASP A 136 -5.76 -15.98 6.33
C ASP A 136 -7.06 -16.40 7.00
N THR A 137 -8.14 -16.42 6.24
CA THR A 137 -9.44 -16.88 6.72
C THR A 137 -9.60 -18.35 6.31
N ASP A 138 -9.27 -19.24 7.23
CA ASP A 138 -9.54 -20.69 7.09
C ASP A 138 -10.70 -21.03 8.02
N ILE A 139 -11.79 -20.27 7.95
CA ILE A 139 -12.93 -20.45 8.89
C ILE A 139 -13.88 -21.47 8.26
N GLU A 140 -13.80 -22.70 8.76
CA GLU A 140 -14.49 -23.87 8.19
C GLU A 140 -15.82 -24.09 8.91
N HIS A 141 -16.11 -23.32 9.96
CA HIS A 141 -17.30 -23.50 10.82
C HIS A 141 -17.88 -22.12 11.15
N GLY A 142 -19.18 -21.96 10.97
CA GLY A 142 -19.90 -20.77 11.45
C GLY A 142 -19.71 -19.55 10.58
N ILE A 143 -19.65 -19.73 9.26
N ILE A 143 -19.64 -19.72 9.26
CA ILE A 143 -19.95 -18.64 8.30
CA ILE A 143 -19.95 -18.62 8.31
C ILE A 143 -21.31 -18.95 7.68
C ILE A 143 -21.30 -18.95 7.68
N ASN A 144 -22.37 -18.61 8.41
CA ASN A 144 -23.76 -18.88 8.03
C ASN A 144 -24.23 -17.80 7.07
N ALA A 145 -25.07 -18.20 6.12
CA ALA A 145 -25.70 -17.27 5.16
C ALA A 145 -26.89 -16.58 5.84
N SER A 146 -26.96 -15.26 5.66
N SER A 146 -26.97 -15.27 5.66
CA SER A 146 -28.12 -14.41 6.00
CA SER A 146 -28.20 -14.48 5.94
C SER A 146 -28.21 -13.28 4.98
C SER A 146 -28.22 -13.29 4.97
N GLY A 147 -29.37 -12.62 4.90
CA GLY A 147 -29.62 -11.65 3.82
C GLY A 147 -29.61 -12.38 2.49
N SER A 148 -29.17 -11.72 1.44
CA SER A 148 -29.15 -12.32 0.09
C SER A 148 -27.70 -12.59 -0.28
N PHE A 149 -27.51 -13.44 -1.28
CA PHE A 149 -26.17 -13.79 -1.81
C PHE A 149 -25.42 -12.50 -2.17
N SER A 150 -26.10 -11.56 -2.80
CA SER A 150 -25.50 -10.30 -3.33
C SER A 150 -25.37 -9.23 -2.24
N GLN A 151 -26.24 -9.27 -1.23
CA GLN A 151 -26.29 -8.29 -0.12
C GLN A 151 -26.36 -9.07 1.18
N PRO A 152 -25.28 -9.79 1.55
CA PRO A 152 -25.32 -10.65 2.72
C PRO A 152 -25.43 -9.84 4.02
N GLN A 153 -26.02 -10.44 5.04
CA GLN A 153 -26.13 -9.87 6.41
C GLN A 153 -25.40 -10.82 7.35
N GLY A 154 -25.44 -10.55 8.66
CA GLY A 154 -24.90 -11.47 9.67
C GLY A 154 -23.44 -11.80 9.43
N ASP A 155 -23.10 -13.09 9.47
CA ASP A 155 -21.70 -13.55 9.60
C ASP A 155 -20.87 -13.01 8.42
N ILE A 156 -21.36 -13.13 7.20
CA ILE A 156 -20.57 -12.74 6.01
C ILE A 156 -20.36 -11.21 6.04
N ALA A 157 -21.41 -10.44 6.35
CA ALA A 157 -21.31 -8.95 6.39
C ALA A 157 -20.28 -8.55 7.45
N VAL A 158 -20.31 -9.18 8.63
CA VAL A 158 -19.37 -8.82 9.74
C VAL A 158 -17.95 -9.19 9.31
N LEU A 159 -17.74 -10.40 8.78
CA LEU A 159 -16.38 -10.82 8.38
C LEU A 159 -15.88 -9.90 7.24
N ALA A 160 -16.72 -9.58 6.28
CA ALA A 160 -16.35 -8.65 5.19
C ALA A 160 -15.92 -7.31 5.79
N SER A 161 -16.66 -6.81 6.78
CA SER A 161 -16.37 -5.49 7.42
C SER A 161 -15.01 -5.58 8.09
N ILE A 162 -14.72 -6.67 8.78
CA ILE A 162 -13.42 -6.85 9.48
C ILE A 162 -12.31 -6.81 8.43
N ILE A 163 -12.46 -7.57 7.37
CA ILE A 163 -11.42 -7.68 6.30
C ILE A 163 -11.23 -6.31 5.65
N ASN A 164 -12.32 -5.69 5.23
CA ASN A 164 -12.22 -4.40 4.50
C ASN A 164 -11.69 -3.29 5.41
N THR A 165 -12.07 -3.27 6.69
CA THR A 165 -11.55 -2.27 7.66
C THR A 165 -10.04 -2.49 7.84
N MET A 166 -9.61 -3.72 8.07
CA MET A 166 -8.16 -4.02 8.28
C MET A 166 -7.39 -3.54 7.04
N TYR A 167 -7.90 -3.81 5.84
CA TYR A 167 -7.17 -3.46 4.59
C TYR A 167 -7.17 -1.93 4.39
N SER A 168 -8.27 -1.28 4.70
CA SER A 168 -8.40 0.19 4.58
C SER A 168 -7.36 0.89 5.48
N GLN A 169 -7.13 0.32 6.66
CA GLN A 169 -6.23 0.90 7.70
C GLN A 169 -4.77 0.60 7.32
N ASN A 170 -4.52 -0.50 6.60
CA ASN A 170 -3.17 -0.94 6.24
C ASN A 170 -3.22 -1.74 4.94
N SER A 171 -3.06 -1.04 3.82
CA SER A 171 -3.17 -1.64 2.46
C SER A 171 -1.95 -2.55 2.18
N SER A 172 -0.99 -2.68 3.10
CA SER A 172 0.15 -3.61 2.93
C SER A 172 -0.21 -4.98 3.51
N LEU A 173 -1.32 -5.11 4.24
CA LEU A 173 -1.66 -6.42 4.84
C LEU A 173 -1.96 -7.42 3.72
N LEU A 174 -1.43 -8.63 3.82
CA LEU A 174 -1.79 -9.75 2.94
C LEU A 174 -2.98 -10.46 3.56
N ILE A 175 -4.17 -10.29 3.00
CA ILE A 175 -5.40 -10.89 3.58
C ILE A 175 -5.86 -11.95 2.58
N THR A 176 -6.03 -13.16 3.04
CA THR A 176 -6.34 -14.31 2.15
C THR A 176 -7.58 -15.04 2.64
N LEU A 177 -8.27 -15.73 1.75
CA LEU A 177 -9.36 -16.65 2.09
C LEU A 177 -8.93 -18.04 1.65
N THR A 178 -9.26 -19.06 2.42
CA THR A 178 -8.90 -20.44 2.08
C THR A 178 -10.15 -21.31 2.15
N PRO A 179 -11.06 -21.11 1.18
CA PRO A 179 -12.31 -21.85 1.16
C PRO A 179 -12.19 -23.32 0.79
N GLN A 180 -13.17 -24.08 1.25
CA GLN A 180 -13.48 -25.43 0.70
C GLN A 180 -14.19 -25.24 -0.64
N VAL A 181 -14.15 -26.24 -1.51
CA VAL A 181 -14.74 -26.05 -2.87
C VAL A 181 -16.24 -25.77 -2.75
N ALA A 182 -16.99 -26.42 -1.87
CA ALA A 182 -18.46 -26.17 -1.79
C ALA A 182 -18.70 -24.68 -1.53
N ASN A 183 -17.76 -24.02 -0.84
CA ASN A 183 -17.92 -22.60 -0.43
C ASN A 183 -17.84 -21.65 -1.66
N ILE A 184 -17.15 -22.06 -2.73
CA ILE A 184 -16.83 -21.15 -3.89
C ILE A 184 -17.32 -21.71 -5.23
N ALA A 185 -17.74 -22.96 -5.33
CA ALA A 185 -18.09 -23.55 -6.65
C ALA A 185 -19.49 -23.06 -7.05
N ALA A 186 -19.74 -22.94 -8.34
CA ALA A 186 -21.08 -22.56 -8.88
C ALA A 186 -22.16 -23.43 -8.22
N THR A 187 -23.15 -22.78 -7.63
CA THR A 187 -24.18 -23.45 -6.80
C THR A 187 -25.44 -22.60 -6.77
N SER A 188 -26.56 -23.25 -6.55
CA SER A 188 -27.87 -22.63 -6.21
C SER A 188 -27.92 -22.38 -4.72
N GLY A 189 -27.03 -23.00 -3.94
CA GLY A 189 -27.09 -22.90 -2.48
C GLY A 189 -26.54 -21.59 -1.98
N PHE A 190 -26.94 -21.24 -0.78
CA PHE A 190 -26.36 -20.10 -0.02
C PHE A 190 -26.54 -20.45 1.45
N ASP A 191 -25.55 -21.13 2.03
CA ASP A 191 -25.64 -21.55 3.43
C ASP A 191 -24.20 -21.73 3.95
N GLN A 192 -24.08 -22.36 5.12
CA GLN A 192 -22.78 -22.46 5.83
C GLN A 192 -21.80 -23.34 5.04
N THR A 193 -22.30 -24.10 4.06
CA THR A 193 -21.48 -25.00 3.21
C THR A 193 -21.40 -24.44 1.78
N TRP A 194 -22.55 -24.12 1.21
CA TRP A 194 -22.66 -23.81 -0.24
C TRP A 194 -22.63 -22.29 -0.50
N GLY A 195 -21.60 -21.83 -1.20
CA GLY A 195 -21.59 -20.48 -1.80
C GLY A 195 -21.26 -19.37 -0.83
N ASN A 196 -21.01 -19.67 0.45
CA ASN A 196 -20.82 -18.61 1.47
C ASN A 196 -19.55 -17.81 1.15
N TYR A 197 -18.44 -18.44 0.79
CA TYR A 197 -17.21 -17.68 0.46
C TYR A 197 -17.32 -16.96 -0.88
N ALA A 198 -18.11 -17.47 -1.84
CA ALA A 198 -18.33 -16.75 -3.11
C ALA A 198 -19.05 -15.41 -2.80
N SER A 199 -20.02 -15.45 -1.91
CA SER A 199 -20.74 -14.24 -1.44
C SER A 199 -19.72 -13.31 -0.75
N LEU A 200 -18.90 -13.85 0.13
CA LEU A 200 -17.90 -13.04 0.89
C LEU A 200 -16.91 -12.39 -0.10
N ILE A 201 -16.49 -13.12 -1.12
CA ILE A 201 -15.54 -12.60 -2.13
C ILE A 201 -16.13 -11.38 -2.83
N MET A 202 -17.42 -11.38 -3.17
CA MET A 202 -17.96 -10.20 -3.87
C MET A 202 -17.90 -8.96 -2.97
N GLN A 203 -17.87 -9.13 -1.64
CA GLN A 203 -17.83 -8.03 -0.66
C GLN A 203 -16.39 -7.61 -0.33
N THR A 204 -15.37 -8.39 -0.66
CA THR A 204 -14.00 -8.21 -0.10
C THR A 204 -12.92 -8.25 -1.18
N HIS A 205 -13.25 -8.49 -2.45
CA HIS A 205 -12.22 -8.75 -3.51
C HIS A 205 -11.13 -7.67 -3.49
N GLN A 206 -11.48 -6.41 -3.22
CA GLN A 206 -10.60 -5.23 -3.28
C GLN A 206 -9.54 -5.31 -2.17
N SER A 207 -9.73 -6.18 -1.19
CA SER A 207 -8.88 -6.29 0.02
C SER A 207 -8.01 -7.54 -0.01
N LEU A 208 -8.21 -8.44 -0.97
CA LEU A 208 -7.65 -9.82 -0.88
C LEU A 208 -6.38 -9.94 -1.70
N ALA A 209 -5.33 -10.49 -1.08
CA ALA A 209 -4.11 -10.94 -1.77
C ALA A 209 -4.47 -12.15 -2.65
N TRP A 210 -5.11 -13.16 -2.07
CA TRP A 210 -5.57 -14.33 -2.84
C TRP A 210 -6.68 -15.09 -2.13
N VAL A 211 -7.35 -15.92 -2.94
CA VAL A 211 -8.28 -16.96 -2.49
C VAL A 211 -7.63 -18.29 -2.85
N GLY A 212 -7.30 -19.09 -1.84
CA GLY A 212 -6.66 -20.40 -2.03
C GLY A 212 -7.66 -21.52 -1.89
N ILE A 213 -7.88 -22.27 -2.97
CA ILE A 213 -8.93 -23.30 -2.99
C ILE A 213 -8.39 -24.62 -2.43
N GLN A 214 -9.10 -25.19 -1.46
CA GLN A 214 -8.79 -26.54 -0.92
C GLN A 214 -9.24 -27.61 -1.93
N LEU A 215 -8.35 -28.02 -2.82
CA LEU A 215 -8.70 -29.03 -3.86
C LEU A 215 -8.49 -30.45 -3.31
N TYR A 216 -9.16 -30.75 -2.20
CA TYR A 216 -9.07 -32.03 -1.48
C TYR A 216 -10.14 -32.06 -0.40
N ASN A 217 -10.35 -33.22 0.21
CA ASN A 217 -11.29 -33.41 1.34
C ASN A 217 -12.67 -32.90 0.93
N THR A 218 -13.14 -33.33 -0.23
CA THR A 218 -14.43 -32.82 -0.78
C THR A 218 -15.02 -33.82 -1.75
N GLY A 219 -16.35 -33.87 -1.81
CA GLY A 219 -17.07 -34.44 -2.96
C GLY A 219 -16.97 -33.52 -4.17
N CYS A 220 -17.59 -33.92 -5.29
CA CYS A 220 -17.51 -33.07 -6.49
C CYS A 220 -18.32 -31.80 -6.24
N ALA A 221 -17.99 -30.74 -6.96
CA ALA A 221 -18.80 -29.50 -7.00
C ALA A 221 -18.85 -29.00 -8.45
N PHE A 222 -19.77 -28.10 -8.75
CA PHE A 222 -20.09 -27.76 -10.15
C PHE A 222 -19.12 -26.74 -10.71
N GLY A 223 -18.72 -26.97 -11.95
CA GLY A 223 -18.17 -25.93 -12.83
C GLY A 223 -19.31 -25.09 -13.40
N ILE A 224 -18.97 -24.00 -14.08
CA ILE A 224 -20.02 -23.12 -14.68
C ILE A 224 -20.63 -23.82 -15.88
N ASP A 225 -20.09 -24.97 -16.30
CA ASP A 225 -20.67 -25.86 -17.35
C ASP A 225 -21.73 -26.82 -16.76
N GLN A 226 -22.04 -26.75 -15.48
CA GLN A 226 -23.02 -27.63 -14.76
C GLN A 226 -22.51 -29.07 -14.69
N VAL A 227 -21.21 -29.29 -14.82
CA VAL A 227 -20.59 -30.63 -14.64
C VAL A 227 -20.02 -30.67 -13.22
N CYS A 228 -20.22 -31.77 -12.50
CA CYS A 228 -19.74 -31.95 -11.12
C CYS A 228 -18.35 -32.60 -11.19
N TYR A 229 -17.32 -31.85 -10.78
CA TYR A 229 -15.89 -32.27 -10.82
C TYR A 229 -15.43 -32.49 -9.39
N GLY A 230 -14.74 -33.60 -9.14
CA GLY A 230 -14.12 -33.84 -7.84
C GLY A 230 -12.62 -34.07 -8.00
N PRO A 231 -11.90 -34.17 -6.88
CA PRO A 231 -10.45 -34.30 -6.93
C PRO A 231 -9.97 -35.61 -7.56
N THR A 232 -10.77 -36.67 -7.50
CA THR A 232 -10.45 -37.93 -8.23
C THR A 232 -11.30 -37.91 -9.48
N PRO A 233 -10.76 -38.32 -10.65
CA PRO A 233 -9.39 -38.83 -10.75
C PRO A 233 -8.30 -37.75 -10.82
N THR A 234 -7.12 -38.04 -10.28
CA THR A 234 -6.05 -37.02 -10.09
C THR A 234 -5.11 -36.94 -11.31
N ASP A 235 -5.40 -37.66 -12.39
CA ASP A 235 -4.54 -37.72 -13.61
C ASP A 235 -5.05 -36.75 -14.67
N THR A 236 -6.00 -35.88 -14.32
CA THR A 236 -6.48 -34.81 -15.22
C THR A 236 -6.61 -33.55 -14.39
N PRO A 237 -6.31 -32.36 -14.97
CA PRO A 237 -6.44 -31.12 -14.22
C PRO A 237 -7.86 -30.53 -14.15
N ASP A 238 -8.85 -31.22 -14.72
CA ASP A 238 -10.23 -30.69 -14.89
C ASP A 238 -10.75 -30.05 -13.61
N PHE A 239 -10.67 -30.75 -12.48
CA PHE A 239 -11.26 -30.27 -11.20
C PHE A 239 -10.60 -28.94 -10.80
N SER A 240 -9.27 -28.92 -10.76
CA SER A 240 -8.47 -27.74 -10.37
C SER A 240 -8.87 -26.57 -11.27
N VAL A 241 -8.91 -26.81 -12.58
CA VAL A 241 -9.22 -25.76 -13.58
C VAL A 241 -10.68 -25.28 -13.42
N ALA A 242 -11.65 -26.19 -13.29
CA ALA A 242 -13.09 -25.81 -13.20
C ALA A 242 -13.33 -24.99 -11.93
N MET A 243 -12.70 -25.34 -10.81
CA MET A 243 -12.91 -24.64 -9.53
C MET A 243 -12.30 -23.24 -9.62
N ALA A 244 -11.10 -23.09 -10.18
CA ALA A 244 -10.49 -21.77 -10.39
C ALA A 244 -11.41 -20.93 -11.30
N THR A 245 -11.91 -21.53 -12.38
CA THR A 245 -12.80 -20.88 -13.35
C THR A 245 -14.04 -20.35 -12.62
N ASP A 246 -14.58 -21.13 -11.68
CA ASP A 246 -15.79 -20.70 -10.94
C ASP A 246 -15.52 -19.37 -10.22
N LEU A 247 -14.28 -19.12 -9.79
CA LEU A 247 -13.98 -17.82 -9.13
C LEU A 247 -13.72 -16.71 -10.16
N LEU A 248 -13.26 -17.06 -11.36
CA LEU A 248 -12.82 -16.08 -12.40
C LEU A 248 -13.96 -15.70 -13.36
N GLU A 249 -15.12 -16.36 -13.26
CA GLU A 249 -16.24 -16.14 -14.20
C GLU A 249 -17.53 -15.91 -13.44
N ASN A 250 -18.40 -15.09 -14.01
CA ASN A 250 -19.80 -14.93 -13.56
C ASN A 250 -20.48 -16.29 -13.65
N TRP A 251 -21.34 -16.62 -12.70
CA TRP A 251 -22.13 -17.87 -12.80
C TRP A 251 -23.35 -17.63 -13.67
N PRO A 252 -23.48 -18.36 -14.80
CA PRO A 252 -24.60 -18.14 -15.72
C PRO A 252 -25.93 -18.67 -15.16
N ALA A 253 -27.02 -17.97 -15.46
CA ALA A 253 -28.38 -18.39 -15.07
C ALA A 253 -28.86 -19.52 -15.98
N THR A 254 -28.33 -19.57 -17.20
CA THR A 254 -28.76 -20.56 -18.23
C THR A 254 -27.52 -21.16 -18.85
N VAL A 255 -27.53 -22.47 -19.09
CA VAL A 255 -26.46 -23.17 -19.84
C VAL A 255 -27.18 -24.03 -20.86
N ASN A 256 -26.98 -23.72 -22.14
CA ASN A 256 -27.50 -24.52 -23.27
C ASN A 256 -29.01 -24.74 -23.09
N GLY A 257 -29.75 -23.66 -22.91
CA GLY A 257 -31.21 -23.64 -22.89
C GLY A 257 -31.80 -24.15 -21.58
N ARG A 258 -30.99 -24.46 -20.58
CA ARG A 258 -31.46 -25.00 -19.28
C ARG A 258 -31.18 -24.01 -18.15
N PRO A 259 -32.10 -23.91 -17.17
CA PRO A 259 -31.79 -23.12 -15.97
C PRO A 259 -30.76 -23.84 -15.09
N THR A 260 -29.79 -23.09 -14.59
CA THR A 260 -28.76 -23.60 -13.67
C THR A 260 -29.25 -23.53 -12.23
N GLY A 261 -30.05 -22.52 -11.89
CA GLY A 261 -30.37 -22.07 -10.52
C GLY A 261 -29.16 -21.47 -9.83
N PHE A 262 -28.06 -21.20 -10.53
CA PHE A 262 -26.83 -20.66 -9.90
C PHE A 262 -27.12 -19.29 -9.27
N GLN A 263 -26.53 -19.08 -8.09
CA GLN A 263 -26.52 -17.75 -7.46
C GLN A 263 -25.85 -16.77 -8.41
N PRO A 264 -26.22 -15.47 -8.33
CA PRO A 264 -25.68 -14.48 -9.26
C PRO A 264 -24.29 -13.99 -8.85
N TYR A 265 -23.33 -14.91 -8.81
CA TYR A 265 -21.91 -14.58 -8.56
C TYR A 265 -21.36 -13.81 -9.78
N ILE A 266 -20.80 -12.66 -9.48
CA ILE A 266 -20.06 -11.80 -10.44
C ILE A 266 -18.60 -11.88 -10.04
N SER A 267 -17.73 -12.24 -10.97
CA SER A 267 -16.27 -12.35 -10.72
C SER A 267 -15.63 -10.95 -10.75
N TYR A 268 -15.05 -10.55 -9.63
CA TYR A 268 -14.24 -9.31 -9.51
C TYR A 268 -12.77 -9.68 -9.28
N LEU A 269 -12.41 -10.96 -9.33
CA LEU A 269 -11.03 -11.39 -9.00
C LEU A 269 -10.15 -11.38 -10.25
N ARG A 270 -8.88 -11.07 -10.04
CA ARG A 270 -7.82 -11.18 -11.07
C ARG A 270 -7.19 -12.56 -10.93
N PRO A 271 -6.61 -13.10 -12.00
CA PRO A 271 -5.93 -14.39 -11.93
C PRO A 271 -4.87 -14.46 -10.81
N SER A 272 -4.19 -13.35 -10.54
CA SER A 272 -3.13 -13.29 -9.49
C SER A 272 -3.75 -13.50 -8.09
N GLN A 273 -5.08 -13.37 -7.96
CA GLN A 273 -5.78 -13.59 -6.67
C GLN A 273 -6.25 -15.05 -6.55
N ILE A 274 -5.89 -15.91 -7.50
CA ILE A 274 -6.31 -17.33 -7.47
C ILE A 274 -5.10 -18.20 -7.13
N VAL A 275 -5.25 -18.96 -6.06
CA VAL A 275 -4.24 -19.95 -5.62
C VAL A 275 -4.94 -21.30 -5.54
N ILE A 276 -4.25 -22.34 -6.02
CA ILE A 276 -4.74 -23.73 -5.98
C ILE A 276 -3.97 -24.49 -4.90
N GLY A 277 -4.72 -25.12 -4.01
CA GLY A 277 -4.22 -25.73 -2.77
C GLY A 277 -4.39 -27.25 -2.76
N TYR A 278 -3.39 -27.94 -2.26
CA TYR A 278 -3.34 -29.42 -2.28
C TYR A 278 -2.69 -29.97 -1.02
N PRO A 279 -2.93 -31.26 -0.71
CA PRO A 279 -2.18 -31.93 0.34
C PRO A 279 -0.82 -32.33 -0.25
N SER A 280 0.25 -32.06 0.48
CA SER A 280 1.60 -32.54 0.08
C SER A 280 1.81 -33.93 0.66
N PRO A 281 2.36 -34.86 -0.15
CA PRO A 281 2.71 -36.17 0.37
C PRO A 281 4.06 -36.18 1.08
N ASN A 282 4.20 -37.10 2.03
CA ASN A 282 5.52 -37.43 2.59
C ASN A 282 6.21 -38.45 1.68
N ALA A 283 7.39 -38.91 2.08
CA ALA A 283 8.22 -39.82 1.25
C ALA A 283 7.51 -41.15 1.01
N SER A 284 6.57 -41.53 1.88
N SER A 284 6.57 -41.53 1.88
CA SER A 284 5.84 -42.82 1.84
CA SER A 284 5.84 -42.82 1.84
C SER A 284 4.54 -42.67 1.06
C SER A 284 4.53 -42.67 1.06
N GLY A 285 4.20 -41.45 0.62
CA GLY A 285 2.93 -41.18 -0.09
C GLY A 285 1.80 -40.85 0.88
N GLY A 286 2.08 -40.81 2.18
CA GLY A 286 1.13 -40.40 3.22
C GLY A 286 0.84 -38.91 3.12
N SER A 287 -0.32 -38.47 3.59
CA SER A 287 -0.74 -37.06 3.51
C SER A 287 -1.74 -36.77 4.62
N ASP A 288 -1.92 -35.49 4.94
CA ASP A 288 -3.02 -35.03 5.82
C ASP A 288 -4.05 -34.33 4.94
N GLY A 289 -4.83 -35.10 4.20
CA GLY A 289 -5.71 -34.59 3.15
C GLY A 289 -5.68 -35.52 1.98
N SER A 290 -6.84 -35.76 1.39
CA SER A 290 -7.03 -36.81 0.38
C SER A 290 -7.94 -36.29 -0.71
N PRO A 291 -7.73 -36.65 -1.99
CA PRO A 291 -6.56 -37.40 -2.44
C PRO A 291 -5.36 -36.48 -2.66
N VAL A 292 -4.18 -37.07 -2.88
CA VAL A 292 -2.96 -36.33 -3.31
C VAL A 292 -3.02 -36.18 -4.82
N THR A 293 -2.97 -34.94 -5.31
CA THR A 293 -2.82 -34.63 -6.74
C THR A 293 -1.33 -34.53 -7.05
N PRO A 294 -0.83 -35.25 -8.06
CA PRO A 294 0.60 -35.20 -8.37
C PRO A 294 0.96 -33.85 -8.98
N THR A 295 2.22 -33.45 -8.82
CA THR A 295 2.72 -32.16 -9.34
C THR A 295 2.55 -32.08 -10.86
N THR A 296 2.65 -33.21 -11.60
CA THR A 296 2.43 -33.19 -13.07
C THR A 296 1.03 -32.65 -13.36
N THR A 297 0.01 -33.03 -12.59
CA THR A 297 -1.38 -32.58 -12.82
C THR A 297 -1.49 -31.10 -12.43
N ILE A 298 -0.84 -30.70 -11.35
CA ILE A 298 -0.90 -29.30 -10.87
C ILE A 298 -0.32 -28.38 -11.95
N LYS A 299 0.82 -28.75 -12.55
CA LYS A 299 1.43 -27.96 -13.64
C LYS A 299 0.47 -27.88 -14.81
N ARG A 300 -0.19 -28.99 -15.15
CA ARG A 300 -1.19 -28.98 -16.27
C ARG A 300 -2.30 -27.99 -15.93
N ALA A 301 -2.78 -27.93 -14.68
CA ALA A 301 -3.88 -27.03 -14.30
C ALA A 301 -3.43 -25.58 -14.53
N ILE A 302 -2.23 -25.23 -14.07
CA ILE A 302 -1.71 -23.84 -14.23
C ILE A 302 -1.53 -23.54 -15.72
N GLN A 303 -0.96 -24.46 -16.49
CA GLN A 303 -0.73 -24.27 -17.94
C GLN A 303 -2.10 -24.08 -18.63
N CYS A 304 -3.09 -24.87 -18.23
CA CYS A 304 -4.47 -24.81 -18.77
C CYS A 304 -5.11 -23.45 -18.46
N LEU A 305 -5.04 -22.99 -17.21
CA LEU A 305 -5.59 -21.66 -16.85
C LEU A 305 -4.84 -20.57 -17.62
N LYS A 306 -3.54 -20.77 -17.83
CA LYS A 306 -2.69 -19.78 -18.52
C LYS A 306 -3.14 -19.61 -19.98
N THR A 307 -3.35 -20.72 -20.68
CA THR A 307 -3.44 -20.75 -22.17
C THR A 307 -4.84 -21.11 -22.69
N ALA A 308 -5.62 -21.89 -21.95
CA ALA A 308 -6.93 -22.43 -22.39
C ALA A 308 -6.75 -23.21 -23.68
N ILE A 309 -5.60 -23.88 -23.83
CA ILE A 309 -5.27 -24.80 -24.95
C ILE A 309 -5.09 -26.18 -24.34
N ALA A 310 -5.89 -27.15 -24.78
CA ALA A 310 -5.83 -28.55 -24.32
C ALA A 310 -4.59 -29.23 -24.88
N GLY A 311 -4.01 -30.14 -24.09
CA GLY A 311 -2.89 -30.99 -24.52
C GLY A 311 -2.31 -31.72 -23.33
N ASN A 312 -1.32 -32.59 -23.54
CA ASN A 312 -0.84 -33.50 -22.47
C ASN A 312 -0.07 -32.71 -21.40
N THR A 313 0.31 -31.44 -21.64
CA THR A 313 0.96 -30.58 -20.62
C THR A 313 0.00 -29.46 -20.15
N SER A 314 -1.25 -29.51 -20.58
CA SER A 314 -2.22 -28.40 -20.40
C SER A 314 -3.59 -29.06 -20.28
N CYS A 315 -4.67 -28.37 -20.61
CA CYS A 315 -6.06 -28.78 -20.28
C CYS A 315 -6.29 -30.24 -20.64
N GLY A 316 -7.12 -30.91 -19.83
CA GLY A 316 -7.79 -32.16 -20.20
C GLY A 316 -9.04 -31.85 -21.01
N VAL A 317 -10.12 -32.55 -20.73
CA VAL A 317 -11.41 -32.34 -21.44
C VAL A 317 -11.96 -30.96 -21.07
N TYR A 318 -11.81 -30.51 -19.83
CA TYR A 318 -12.36 -29.22 -19.39
C TYR A 318 -11.41 -28.10 -19.85
N VAL A 319 -11.94 -27.20 -20.68
CA VAL A 319 -11.19 -26.00 -21.13
C VAL A 319 -11.96 -24.77 -20.67
N PRO A 320 -11.31 -23.85 -19.94
CA PRO A 320 -12.01 -22.65 -19.46
C PRO A 320 -12.44 -21.74 -20.62
N PRO A 321 -13.40 -20.82 -20.41
CA PRO A 321 -13.91 -20.02 -21.50
C PRO A 321 -12.91 -18.99 -22.05
N ARG A 322 -11.78 -18.77 -21.38
CA ARG A 322 -10.73 -17.87 -21.91
C ARG A 322 -9.39 -18.22 -21.25
N ALA A 323 -8.30 -17.75 -21.85
CA ALA A 323 -6.94 -17.81 -21.28
C ALA A 323 -6.83 -16.73 -20.19
N TYR A 324 -6.33 -17.07 -18.99
CA TYR A 324 -6.23 -16.14 -17.84
C TYR A 324 -4.79 -15.62 -17.69
N GLY A 325 -3.80 -16.22 -18.35
CA GLY A 325 -2.39 -16.02 -18.02
C GLY A 325 -2.08 -16.59 -16.64
N ASN A 326 -1.04 -16.08 -15.99
CA ASN A 326 -0.49 -16.70 -14.76
C ASN A 326 -1.44 -16.47 -13.60
N ILE A 327 -1.75 -17.52 -12.87
CA ILE A 327 -2.54 -17.38 -11.61
C ILE A 327 -1.57 -17.06 -10.46
N GLY A 328 -2.10 -17.01 -9.25
CA GLY A 328 -1.40 -16.52 -8.06
C GLY A 328 -0.42 -17.54 -7.49
N GLY A 329 -0.57 -18.82 -7.83
CA GLY A 329 0.36 -19.86 -7.35
C GLY A 329 -0.33 -21.03 -6.68
N VAL A 330 0.41 -21.73 -5.81
CA VAL A 330 -0.02 -23.02 -5.23
C VAL A 330 0.24 -23.00 -3.74
N PHE A 331 -0.58 -23.70 -2.97
CA PHE A 331 -0.27 -23.96 -1.56
C PHE A 331 -0.28 -25.46 -1.33
N ASN A 332 0.41 -25.88 -0.27
CA ASN A 332 0.20 -27.23 0.27
C ASN A 332 -0.07 -27.17 1.77
N TRP A 333 -0.99 -28.04 2.16
CA TRP A 333 -1.17 -28.54 3.52
C TRP A 333 -0.45 -29.89 3.60
N GLU A 334 0.68 -30.00 4.30
CA GLU A 334 1.38 -28.95 5.03
C GLU A 334 2.88 -29.29 5.01
N VAL A 335 3.73 -28.33 5.38
CA VAL A 335 5.17 -28.36 4.99
C VAL A 335 5.93 -29.48 5.70
N THR A 336 5.44 -30.06 6.81
CA THR A 336 6.15 -31.18 7.46
C THR A 336 6.06 -32.43 6.59
N TYR A 337 4.97 -32.63 5.87
CA TYR A 337 4.85 -33.71 4.86
C TYR A 337 5.86 -33.46 3.75
N ASP A 338 5.85 -32.25 3.19
CA ASP A 338 6.73 -31.89 2.06
C ASP A 338 8.19 -32.05 2.49
N LYS A 339 8.55 -31.58 3.67
CA LYS A 339 9.94 -31.74 4.17
C LYS A 339 10.36 -33.21 4.12
N ASN A 340 9.50 -34.10 4.63
CA ASN A 340 9.74 -35.56 4.68
C ASN A 340 9.98 -36.09 3.26
N ASN A 341 9.34 -35.47 2.26
CA ASN A 341 9.50 -35.82 0.82
C ASN A 341 10.55 -34.91 0.15
N GLN A 342 11.55 -34.45 0.91
CA GLN A 342 12.69 -33.64 0.40
C GLN A 342 12.17 -32.42 -0.35
N PHE A 343 11.03 -31.87 0.08
CA PHE A 343 10.41 -30.63 -0.48
C PHE A 343 10.14 -30.78 -1.98
N LYS A 344 9.82 -31.98 -2.44
CA LYS A 344 9.51 -32.22 -3.88
C LYS A 344 8.28 -31.40 -4.34
N PHE A 345 7.31 -31.12 -3.47
CA PHE A 345 6.11 -30.33 -3.88
C PHE A 345 6.59 -28.94 -4.32
N ALA A 346 7.33 -28.26 -3.47
CA ALA A 346 7.82 -26.88 -3.74
C ALA A 346 8.82 -26.92 -4.88
N LYS A 347 9.77 -27.85 -4.85
CA LYS A 347 10.87 -27.89 -5.86
C LYS A 347 10.31 -28.19 -7.25
N GLU A 348 9.34 -29.09 -7.36
CA GLU A 348 8.79 -29.47 -8.67
C GLU A 348 7.85 -28.40 -9.20
N LEU A 349 7.26 -27.55 -8.35
CA LEU A 349 6.25 -26.56 -8.80
C LEU A 349 6.82 -25.15 -8.90
N LYS A 350 7.99 -24.87 -8.33
CA LYS A 350 8.38 -23.43 -8.20
C LYS A 350 8.56 -22.78 -9.58
N ASN A 351 9.13 -23.44 -10.59
CA ASN A 351 9.36 -22.76 -11.88
C ASN A 351 7.99 -22.42 -12.50
N CYS A 352 7.01 -23.29 -12.31
CA CYS A 352 5.65 -23.12 -12.88
C CYS A 352 4.89 -22.08 -12.06
N ALA A 353 4.79 -22.27 -10.74
CA ALA A 353 3.99 -21.39 -9.86
C ALA A 353 4.61 -19.99 -9.83
N ILE A 354 5.93 -19.86 -9.73
CA ILE A 354 6.60 -18.55 -9.53
C ILE A 354 6.90 -17.92 -10.88
N ASN A 355 7.50 -18.64 -11.82
CA ASN A 355 8.01 -18.03 -13.07
C ASN A 355 7.01 -18.23 -14.23
N GLY A 356 5.96 -19.02 -14.03
CA GLY A 356 4.90 -19.26 -15.04
C GLY A 356 5.39 -20.16 -16.15
N VAL A 357 6.49 -20.90 -15.94
CA VAL A 357 7.02 -21.86 -16.94
C VAL A 357 6.57 -23.26 -16.54
N CYS A 358 5.55 -23.78 -17.22
CA CYS A 358 4.76 -24.95 -16.71
C CYS A 358 4.86 -26.15 -17.64
N GLU A 359 5.51 -26.01 -18.79
CA GLU A 359 5.70 -27.08 -19.80
C GLU A 359 7.01 -26.79 -20.52
N GLY B 21 0.32 7.43 5.27
CA GLY B 21 1.31 8.09 4.39
C GLY B 21 0.72 8.38 3.03
N ARG B 22 1.51 8.99 2.16
CA ARG B 22 1.05 9.62 0.91
C ARG B 22 2.01 9.29 -0.23
N ILE B 23 1.45 9.14 -1.42
CA ILE B 23 2.22 9.13 -2.69
C ILE B 23 1.71 10.31 -3.50
N ILE B 24 2.57 11.29 -3.69
CA ILE B 24 2.20 12.61 -4.23
C ILE B 24 2.82 12.77 -5.61
N GLY B 25 2.04 13.16 -6.60
CA GLY B 25 2.56 13.38 -7.96
C GLY B 25 2.32 14.81 -8.39
N TYR B 26 3.35 15.46 -8.91
CA TYR B 26 3.21 16.76 -9.60
C TYR B 26 2.68 16.49 -11.01
N VAL B 27 1.67 17.25 -11.39
CA VAL B 27 1.00 17.16 -12.73
C VAL B 27 1.27 18.48 -13.45
N PRO B 28 2.16 18.49 -14.46
CA PRO B 28 2.42 19.71 -15.23
C PRO B 28 1.17 20.18 -15.97
N GLY B 29 0.85 21.45 -15.85
CA GLY B 29 -0.35 22.03 -16.48
C GLY B 29 -0.16 22.35 -17.95
N TRP B 30 1.00 22.02 -18.51
CA TRP B 30 1.34 22.25 -19.93
C TRP B 30 1.46 20.92 -20.68
N LYS B 31 1.19 19.81 -20.01
CA LYS B 31 1.22 18.46 -20.61
C LYS B 31 -0.11 17.77 -20.36
N THR B 32 -0.51 16.87 -21.25
CA THR B 32 -1.70 16.03 -21.05
C THR B 32 -1.50 15.23 -19.78
N PRO B 33 -2.44 15.31 -18.82
CA PRO B 33 -2.29 14.61 -17.54
C PRO B 33 -2.67 13.14 -17.67
N PRO B 34 -2.07 12.25 -16.86
CA PRO B 34 -2.50 10.85 -16.85
C PRO B 34 -3.95 10.72 -16.36
N ALA B 35 -4.65 9.69 -16.83
CA ALA B 35 -6.04 9.38 -16.39
C ALA B 35 -6.05 9.17 -14.87
N ALA B 36 -7.10 9.66 -14.20
CA ALA B 36 -7.29 9.51 -12.74
C ALA B 36 -7.20 8.02 -12.34
N GLN B 37 -7.82 7.11 -13.10
CA GLN B 37 -7.86 5.68 -12.69
C GLN B 37 -6.44 5.08 -12.74
N GLU B 38 -5.62 5.46 -13.74
CA GLU B 38 -4.19 5.04 -13.87
C GLU B 38 -3.42 5.49 -12.61
N LEU B 39 -3.58 6.76 -12.22
CA LEU B 39 -2.88 7.32 -11.03
C LEU B 39 -3.34 6.59 -9.76
N ALA B 40 -4.65 6.44 -9.56
CA ALA B 40 -5.22 5.78 -8.35
C ALA B 40 -4.75 4.32 -8.26
N SER B 41 -4.79 3.57 -9.37
CA SER B 41 -4.35 2.15 -9.44
C SER B 41 -2.88 2.03 -9.07
N ALA B 42 -2.05 3.00 -9.48
CA ALA B 42 -0.60 2.99 -9.24
C ALA B 42 -0.32 3.24 -7.75
N GLY B 43 -1.24 3.88 -7.04
CA GLY B 43 -1.09 4.14 -5.59
C GLY B 43 -1.05 5.61 -5.24
N TYR B 44 -1.14 6.54 -6.21
CA TYR B 44 -1.18 7.99 -5.91
C TYR B 44 -2.34 8.32 -4.98
N THR B 45 -2.07 9.18 -3.98
CA THR B 45 -3.09 9.66 -3.01
C THR B 45 -3.36 11.14 -3.24
N HIS B 46 -2.37 11.86 -3.78
CA HIS B 46 -2.42 13.33 -3.94
C HIS B 46 -1.80 13.73 -5.25
N VAL B 47 -2.39 14.69 -5.93
CA VAL B 47 -1.68 15.32 -7.07
C VAL B 47 -1.60 16.82 -6.87
N MET B 48 -0.55 17.36 -7.42
CA MET B 48 -0.20 18.79 -7.28
C MET B 48 -0.26 19.37 -8.69
N ILE B 49 -1.17 20.32 -8.95
CA ILE B 49 -1.29 20.95 -10.29
C ILE B 49 -0.31 22.10 -10.40
N ALA B 50 0.59 22.04 -11.39
CA ALA B 50 1.68 23.02 -11.61
C ALA B 50 1.31 23.87 -12.82
N PHE B 51 1.10 25.19 -12.67
CA PHE B 51 1.26 26.02 -11.50
C PHE B 51 0.28 27.21 -11.59
N GLY B 52 0.01 27.83 -10.46
CA GLY B 52 -0.49 29.20 -10.40
C GLY B 52 0.68 30.16 -10.29
N VAL B 53 0.68 31.20 -11.10
CA VAL B 53 1.76 32.23 -11.11
C VAL B 53 1.13 33.57 -10.71
N PHE B 54 1.92 34.63 -10.67
CA PHE B 54 1.47 35.91 -10.04
C PHE B 54 1.34 37.00 -11.10
N SER B 55 0.15 37.62 -11.16
CA SER B 55 -0.12 38.80 -11.99
C SER B 55 0.81 39.94 -11.57
N THR B 56 1.48 40.56 -12.54
CA THR B 56 2.29 41.78 -12.29
C THR B 56 1.42 43.03 -12.35
N ASN B 57 0.18 42.94 -12.88
CA ASN B 57 -0.65 44.15 -13.11
C ASN B 57 -1.66 44.36 -11.98
N THR B 58 -2.13 43.28 -11.37
CA THR B 58 -3.00 43.32 -10.19
C THR B 58 -2.27 42.55 -9.12
N PRO B 59 -1.31 43.20 -8.40
CA PRO B 59 -0.49 42.50 -7.41
C PRO B 59 -1.38 41.77 -6.39
N GLY B 60 -1.20 40.46 -6.29
CA GLY B 60 -1.95 39.59 -5.38
C GLY B 60 -2.80 38.60 -6.14
N VAL B 61 -3.13 38.92 -7.38
CA VAL B 61 -3.94 37.98 -8.22
C VAL B 61 -3.03 36.84 -8.67
N ILE B 62 -3.55 35.63 -8.56
CA ILE B 62 -2.93 34.37 -9.03
C ILE B 62 -3.53 34.06 -10.40
N VAL B 63 -2.66 33.88 -11.37
CA VAL B 63 -3.01 33.56 -12.78
C VAL B 63 -2.79 32.06 -12.96
N PRO B 64 -3.84 31.30 -13.32
CA PRO B 64 -3.67 29.88 -13.58
C PRO B 64 -2.78 29.67 -14.82
N ALA B 65 -1.76 28.84 -14.68
CA ALA B 65 -0.90 28.38 -15.79
C ALA B 65 -1.01 26.86 -15.87
N PHE B 66 -2.23 26.34 -16.08
CA PHE B 66 -2.44 24.88 -16.22
C PHE B 66 -3.54 24.61 -17.25
N GLU B 67 -3.29 25.01 -18.49
CA GLU B 67 -4.28 24.97 -19.59
C GLU B 67 -4.77 23.55 -19.86
N THR B 68 -3.95 22.52 -19.58
CA THR B 68 -4.27 21.11 -19.88
C THR B 68 -5.15 20.52 -18.77
N ILE B 69 -5.34 21.24 -17.67
CA ILE B 69 -6.05 20.74 -16.46
C ILE B 69 -7.41 21.41 -16.34
N THR B 70 -8.49 20.64 -16.47
CA THR B 70 -9.89 21.14 -16.42
C THR B 70 -10.51 20.80 -15.06
N LYS B 71 -11.58 21.52 -14.71
CA LYS B 71 -12.40 21.19 -13.51
C LYS B 71 -12.95 19.76 -13.66
N GLU B 72 -13.25 19.31 -14.88
CA GLU B 72 -13.79 17.94 -15.14
C GLU B 72 -12.70 16.90 -14.79
N TYR B 73 -11.47 17.15 -15.19
CA TYR B 73 -10.32 16.26 -14.87
C TYR B 73 -10.14 16.21 -13.34
N ILE B 74 -10.19 17.35 -12.65
CA ILE B 74 -10.08 17.39 -11.18
C ILE B 74 -11.24 16.60 -10.56
N GLN B 75 -12.45 16.70 -11.12
CA GLN B 75 -13.59 15.90 -10.62
C GLN B 75 -13.23 14.42 -10.75
N SER B 76 -12.61 14.00 -11.86
N SER B 76 -12.63 14.01 -11.88
CA SER B 76 -12.24 12.58 -12.16
CA SER B 76 -12.26 12.60 -12.18
C SER B 76 -11.25 12.09 -11.11
C SER B 76 -11.26 12.10 -11.13
N LEU B 77 -10.32 12.94 -10.72
CA LEU B 77 -9.35 12.62 -9.63
C LEU B 77 -10.11 12.39 -8.32
N HIS B 78 -11.05 13.27 -7.97
CA HIS B 78 -11.85 13.15 -6.73
C HIS B 78 -12.64 11.85 -6.76
N GLN B 79 -13.21 11.50 -7.91
CA GLN B 79 -14.04 10.27 -8.04
C GLN B 79 -13.15 9.04 -7.81
N ALA B 80 -11.86 9.12 -8.14
CA ALA B 80 -10.87 8.04 -7.94
C ALA B 80 -10.25 8.10 -6.53
N GLY B 81 -10.65 9.05 -5.68
CA GLY B 81 -10.24 9.15 -4.27
C GLY B 81 -8.96 9.94 -4.08
N ILE B 82 -8.51 10.68 -5.09
CA ILE B 82 -7.24 11.46 -5.04
C ILE B 82 -7.54 12.90 -4.63
N LYS B 83 -6.72 13.46 -3.74
CA LYS B 83 -6.79 14.89 -3.37
C LYS B 83 -5.97 15.71 -4.35
N VAL B 84 -6.38 16.94 -4.60
CA VAL B 84 -5.85 17.79 -5.69
C VAL B 84 -5.47 19.14 -5.12
N ILE B 85 -4.19 19.48 -5.20
CA ILE B 85 -3.63 20.70 -4.58
C ILE B 85 -3.09 21.61 -5.68
N LEU B 86 -3.36 22.90 -5.58
CA LEU B 86 -2.83 23.93 -6.52
C LEU B 86 -1.43 24.36 -6.08
N SER B 87 -0.41 24.12 -6.92
CA SER B 87 0.98 24.51 -6.61
C SER B 87 1.22 25.93 -7.14
N LEU B 88 1.73 26.78 -6.28
CA LEU B 88 2.00 28.21 -6.60
C LEU B 88 3.50 28.39 -6.80
N GLY B 89 3.87 29.22 -7.77
CA GLY B 89 5.24 29.67 -8.00
C GLY B 89 5.85 28.92 -9.15
N GLY B 90 6.77 28.01 -8.87
CA GLY B 90 7.53 27.32 -9.92
C GLY B 90 8.80 28.06 -10.31
N ALA B 91 9.49 27.53 -11.32
CA ALA B 91 10.83 27.98 -11.74
C ALA B 91 10.70 29.24 -12.59
N LEU B 92 9.72 29.29 -13.48
CA LEU B 92 9.60 30.40 -14.46
C LEU B 92 8.18 30.52 -14.98
N THR B 93 7.89 31.62 -15.65
CA THR B 93 6.61 31.81 -16.34
C THR B 93 6.85 32.32 -17.76
N SER B 94 5.98 31.93 -18.70
CA SER B 94 5.97 32.45 -20.08
C SER B 94 4.70 33.26 -20.34
N ILE B 95 3.83 33.43 -19.33
CA ILE B 95 2.57 34.19 -19.54
C ILE B 95 2.95 35.66 -19.41
N PRO B 96 2.66 36.51 -20.41
CA PRO B 96 2.94 37.94 -20.28
C PRO B 96 2.31 38.52 -19.01
N ASN B 97 2.99 39.51 -18.40
CA ASN B 97 2.48 40.23 -17.20
C ASN B 97 2.25 39.23 -16.07
N THR B 98 3.15 38.27 -15.92
CA THR B 98 3.17 37.37 -14.74
C THR B 98 4.61 37.24 -14.26
N THR B 99 4.76 36.81 -13.02
CA THR B 99 6.08 36.50 -12.43
C THR B 99 5.90 35.30 -11.50
N VAL B 100 6.99 34.62 -11.19
CA VAL B 100 7.02 33.54 -10.17
C VAL B 100 7.69 34.10 -8.90
N ASP B 101 7.97 35.40 -8.87
CA ASP B 101 8.67 36.07 -7.76
C ASP B 101 7.63 36.68 -6.81
N PHE B 102 7.48 36.11 -5.63
CA PHE B 102 6.46 36.54 -4.65
C PHE B 102 6.73 37.98 -4.16
N HIS B 103 7.95 38.24 -3.70
CA HIS B 103 8.35 39.59 -3.22
C HIS B 103 7.98 40.64 -4.26
N GLN B 104 8.29 40.35 -5.53
CA GLN B 104 8.09 41.33 -6.61
C GLN B 104 6.63 41.83 -6.57
N VAL B 105 5.66 40.93 -6.48
CA VAL B 105 4.22 41.33 -6.52
C VAL B 105 3.79 41.88 -5.14
N LEU B 106 4.38 41.42 -4.03
CA LEU B 106 4.07 41.97 -2.69
C LEU B 106 4.43 43.46 -2.66
N VAL B 107 5.63 43.82 -3.14
CA VAL B 107 6.11 45.22 -3.08
C VAL B 107 5.45 46.07 -4.18
N ALA B 108 4.88 45.46 -5.21
CA ALA B 108 4.15 46.19 -6.28
C ALA B 108 2.79 46.65 -5.76
N SER B 109 2.27 45.98 -4.72
CA SER B 109 0.96 46.28 -4.11
C SER B 109 1.00 47.64 -3.42
N SER B 110 -0.17 48.27 -3.26
CA SER B 110 -0.30 49.54 -2.51
C SER B 110 0.08 49.33 -1.04
N SER B 111 -0.13 48.14 -0.50
CA SER B 111 0.24 47.80 0.90
C SER B 111 0.30 46.30 1.07
N PRO B 112 1.07 45.80 2.06
CA PRO B 112 1.05 44.37 2.38
C PRO B 112 -0.38 43.89 2.70
N GLU B 113 -1.18 44.72 3.36
CA GLU B 113 -2.58 44.37 3.73
C GLU B 113 -3.43 44.19 2.45
N ALA B 114 -3.32 45.11 1.50
CA ALA B 114 -4.05 45.02 0.21
C ALA B 114 -3.60 43.76 -0.53
N PHE B 115 -2.29 43.52 -0.57
CA PHE B 115 -1.73 42.31 -1.23
C PHE B 115 -2.34 41.04 -0.61
N LYS B 116 -2.30 40.92 0.73
CA LYS B 116 -2.83 39.72 1.44
C LYS B 116 -4.31 39.54 1.08
N GLN B 117 -5.11 40.60 1.12
CA GLN B 117 -6.58 40.48 0.84
C GLN B 117 -6.78 40.00 -0.60
N THR B 118 -6.05 40.60 -1.55
CA THR B 118 -6.14 40.27 -3.00
C THR B 118 -5.72 38.81 -3.18
N PHE B 119 -4.61 38.40 -2.56
CA PHE B 119 -4.05 37.05 -2.74
C PHE B 119 -5.03 36.00 -2.18
N ILE B 120 -5.55 36.24 -0.98
CA ILE B 120 -6.50 35.32 -0.32
C ILE B 120 -7.76 35.20 -1.19
N ASN B 121 -8.28 36.32 -1.67
CA ASN B 121 -9.54 36.32 -2.48
C ASN B 121 -9.27 35.54 -3.77
N SER B 122 -8.14 35.80 -4.41
CA SER B 122 -7.77 35.17 -5.71
C SER B 122 -7.60 33.68 -5.49
N LEU B 123 -6.88 33.29 -4.45
CA LEU B 123 -6.68 31.86 -4.12
C LEU B 123 -8.02 31.18 -3.79
N LYS B 124 -8.89 31.83 -3.02
CA LYS B 124 -10.23 31.25 -2.72
C LYS B 124 -11.02 31.04 -4.01
N GLU B 125 -10.99 32.01 -4.92
CA GLU B 125 -11.70 31.96 -6.22
C GLU B 125 -11.22 30.75 -7.02
N LEU B 126 -9.91 30.56 -7.15
CA LEU B 126 -9.35 29.43 -7.93
C LEU B 126 -9.73 28.10 -7.25
N ILE B 127 -9.64 28.05 -5.93
CA ILE B 127 -9.95 26.80 -5.18
C ILE B 127 -11.42 26.45 -5.42
N SER B 128 -12.31 27.42 -5.33
CA SER B 128 -13.77 27.21 -5.52
C SER B 128 -14.05 26.83 -6.99
N GLN B 129 -13.47 27.54 -7.95
CA GLN B 129 -13.74 27.36 -9.39
C GLN B 129 -13.31 25.95 -9.83
N TYR B 130 -12.16 25.48 -9.37
CA TYR B 130 -11.55 24.23 -9.88
C TYR B 130 -11.82 23.04 -8.95
N GLY B 131 -12.23 23.29 -7.71
CA GLY B 131 -12.47 22.24 -6.70
C GLY B 131 -11.16 21.75 -6.10
N PHE B 132 -10.17 22.61 -5.92
CA PHE B 132 -8.91 22.22 -5.24
C PHE B 132 -9.18 21.93 -3.77
N ASP B 133 -8.37 21.04 -3.19
CA ASP B 133 -8.41 20.63 -1.77
C ASP B 133 -7.38 21.41 -0.96
N GLY B 134 -6.58 22.24 -1.61
CA GLY B 134 -5.55 23.03 -0.91
C GLY B 134 -4.59 23.66 -1.88
N PHE B 135 -3.49 24.17 -1.35
CA PHE B 135 -2.48 24.84 -2.17
C PHE B 135 -1.11 24.56 -1.61
N ASP B 136 -0.15 24.60 -2.52
CA ASP B 136 1.26 24.24 -2.29
C ASP B 136 2.11 25.48 -2.56
N THR B 137 3.05 25.75 -1.67
CA THR B 137 4.03 26.83 -1.85
C THR B 137 5.29 26.26 -2.49
N ASP B 138 5.40 26.37 -3.80
CA ASP B 138 6.63 26.06 -4.55
C ASP B 138 7.22 27.38 -5.01
N ILE B 139 7.36 28.34 -4.09
CA ILE B 139 7.85 29.70 -4.45
C ILE B 139 9.38 29.67 -4.34
N GLU B 140 10.04 29.60 -5.49
CA GLU B 140 11.50 29.40 -5.59
C GLU B 140 12.19 30.75 -5.77
N HIS B 141 11.43 31.84 -5.86
CA HIS B 141 11.96 33.20 -6.14
C HIS B 141 11.19 34.20 -5.27
N GLY B 142 11.91 35.04 -4.54
CA GLY B 142 11.31 36.20 -3.86
C GLY B 142 10.62 35.83 -2.56
N ILE B 143 11.19 34.90 -1.80
N ILE B 143 11.19 34.92 -1.78
CA ILE B 143 10.90 34.80 -0.33
CA ILE B 143 10.88 34.84 -0.32
C ILE B 143 12.16 35.30 0.39
C ILE B 143 12.14 35.30 0.41
N ASN B 144 12.28 36.63 0.50
CA ASN B 144 13.46 37.30 1.07
C ASN B 144 13.32 37.32 2.58
N ALA B 145 14.45 37.23 3.27
CA ALA B 145 14.53 37.33 4.74
C ALA B 145 14.49 38.80 5.15
N SER B 146 13.67 39.10 6.15
N SER B 146 13.68 39.12 6.14
CA SER B 146 13.63 40.40 6.86
CA SER B 146 13.77 40.39 6.88
C SER B 146 13.27 40.12 8.32
C SER B 146 13.32 40.12 8.32
N GLY B 147 13.52 41.09 9.20
CA GLY B 147 13.38 40.84 10.65
C GLY B 147 14.39 39.80 11.06
N SER B 148 14.05 39.01 12.06
CA SER B 148 14.94 37.95 12.59
C SER B 148 14.39 36.61 12.15
N PHE B 149 15.26 35.60 12.20
CA PHE B 149 14.90 34.21 11.86
C PHE B 149 13.67 33.79 12.67
N SER B 150 13.63 34.13 13.96
CA SER B 150 12.57 33.71 14.90
C SER B 150 11.33 34.61 14.79
N GLN B 151 11.51 35.86 14.40
CA GLN B 151 10.44 36.89 14.30
C GLN B 151 10.55 37.56 12.94
N PRO B 152 10.27 36.82 11.85
CA PRO B 152 10.47 37.35 10.51
C PRO B 152 9.48 38.48 10.20
N GLN B 153 9.90 39.39 9.32
CA GLN B 153 9.06 40.50 8.83
C GLN B 153 8.94 40.33 7.31
N GLY B 154 8.26 41.25 6.62
CA GLY B 154 8.26 41.23 5.16
C GLY B 154 7.71 39.94 4.59
N ASP B 155 8.40 39.38 3.59
CA ASP B 155 7.87 38.32 2.72
C ASP B 155 7.41 37.12 3.56
N ILE B 156 8.22 36.66 4.49
CA ILE B 156 7.89 35.44 5.27
C ILE B 156 6.66 35.74 6.15
N ALA B 157 6.64 36.90 6.80
CA ALA B 157 5.50 37.28 7.69
C ALA B 157 4.21 37.32 6.86
N VAL B 158 4.26 37.91 5.67
CA VAL B 158 3.05 38.06 4.80
C VAL B 158 2.60 36.68 4.37
N LEU B 159 3.52 35.85 3.87
CA LEU B 159 3.14 34.50 3.39
C LEU B 159 2.59 33.68 4.58
N ALA B 160 3.23 33.75 5.76
CA ALA B 160 2.74 33.05 6.96
C ALA B 160 1.30 33.51 7.26
N SER B 161 1.03 34.81 7.18
CA SER B 161 -0.32 35.37 7.50
C SER B 161 -1.33 34.80 6.50
N ILE B 162 -0.97 34.74 5.22
CA ILE B 162 -1.87 34.20 4.18
C ILE B 162 -2.18 32.72 4.52
N ILE B 163 -1.17 31.95 4.81
CA ILE B 163 -1.30 30.49 5.07
C ILE B 163 -2.17 30.30 6.32
N ASN B 164 -1.82 30.97 7.41
CA ASN B 164 -2.52 30.79 8.69
C ASN B 164 -3.98 31.25 8.60
N THR B 165 -4.24 32.37 7.90
CA THR B 165 -5.61 32.89 7.69
C THR B 165 -6.42 31.87 6.90
N MET B 166 -5.88 31.36 5.80
CA MET B 166 -6.61 30.39 4.94
C MET B 166 -6.98 29.17 5.80
N TYR B 167 -6.04 28.66 6.60
CA TYR B 167 -6.28 27.42 7.39
C TYR B 167 -7.31 27.70 8.50
N SER B 168 -7.22 28.89 9.10
CA SER B 168 -8.15 29.28 10.20
C SER B 168 -9.61 29.31 9.70
N GLN B 169 -9.82 29.61 8.42
CA GLN B 169 -11.16 29.77 7.78
C GLN B 169 -11.65 28.42 7.23
N ASN B 170 -10.77 27.42 7.16
CA ASN B 170 -11.09 26.10 6.53
C ASN B 170 -10.01 25.08 6.89
N SER B 171 -10.22 24.35 8.00
CA SER B 171 -9.27 23.34 8.53
C SER B 171 -9.19 22.13 7.59
N SER B 172 -10.03 22.03 6.56
CA SER B 172 -9.92 20.92 5.57
C SER B 172 -8.88 21.26 4.49
N LEU B 173 -8.44 22.51 4.39
CA LEU B 173 -7.45 22.88 3.34
C LEU B 173 -6.12 22.15 3.60
N LEU B 174 -5.60 21.49 2.57
CA LEU B 174 -4.26 20.89 2.62
C LEU B 174 -3.27 21.96 2.13
N ILE B 175 -2.50 22.49 3.04
CA ILE B 175 -1.55 23.59 2.73
C ILE B 175 -0.15 23.01 2.89
N THR B 176 0.63 23.09 1.84
CA THR B 176 1.95 22.41 1.81
C THR B 176 3.04 23.41 1.45
N LEU B 177 4.28 23.12 1.86
CA LEU B 177 5.47 23.86 1.41
C LEU B 177 6.35 22.87 0.67
N THR B 178 6.98 23.31 -0.41
CA THR B 178 7.87 22.45 -1.20
C THR B 178 9.21 23.14 -1.37
N PRO B 179 9.98 23.23 -0.27
CA PRO B 179 11.27 23.89 -0.29
C PRO B 179 12.37 23.15 -1.06
N GLN B 180 13.33 23.93 -1.51
CA GLN B 180 14.68 23.42 -1.88
C GLN B 180 15.46 23.16 -0.59
N VAL B 181 16.46 22.31 -0.63
CA VAL B 181 17.16 21.91 0.62
C VAL B 181 17.83 23.15 1.24
N ALA B 182 18.41 24.06 0.48
CA ALA B 182 19.07 25.25 1.09
C ALA B 182 18.05 25.99 1.97
N ASN B 183 16.78 25.94 1.60
CA ASN B 183 15.71 26.73 2.29
C ASN B 183 15.44 26.13 3.69
N ILE B 184 15.71 24.84 3.92
CA ILE B 184 15.31 24.14 5.18
C ILE B 184 16.47 23.46 5.91
N ALA B 185 17.65 23.37 5.33
CA ALA B 185 18.76 22.62 5.97
C ALA B 185 19.40 23.49 7.04
N ALA B 186 19.94 22.86 8.08
CA ALA B 186 20.67 23.58 9.16
C ALA B 186 21.69 24.53 8.54
N THR B 187 21.62 25.80 8.90
CA THR B 187 22.41 26.88 8.29
C THR B 187 22.56 28.02 9.28
N SER B 188 23.63 28.79 9.10
CA SER B 188 23.81 30.11 9.75
C SER B 188 23.10 31.18 8.91
N GLY B 189 22.73 30.86 7.66
CA GLY B 189 22.16 31.86 6.76
C GLY B 189 20.71 32.17 7.07
N PHE B 190 20.28 33.35 6.64
CA PHE B 190 18.85 33.72 6.66
C PHE B 190 18.64 34.69 5.51
N ASP B 191 18.34 34.15 4.33
CA ASP B 191 18.19 35.00 3.13
C ASP B 191 17.28 34.26 2.14
N GLN B 192 17.22 34.76 0.91
CA GLN B 192 16.26 34.25 -0.09
C GLN B 192 16.59 32.80 -0.48
N THR B 193 17.78 32.30 -0.14
CA THR B 193 18.23 30.92 -0.43
C THR B 193 18.29 30.11 0.85
N TRP B 194 18.98 30.64 1.85
CA TRP B 194 19.34 29.85 3.07
C TRP B 194 18.36 30.11 4.22
N GLY B 195 17.66 29.06 4.64
CA GLY B 195 16.92 29.04 5.91
C GLY B 195 15.58 29.77 5.85
N ASN B 196 15.19 30.31 4.70
CA ASN B 196 13.94 31.12 4.62
C ASN B 196 12.72 30.23 4.90
N TYR B 197 12.64 29.02 4.35
CA TYR B 197 11.47 28.15 4.61
C TYR B 197 11.50 27.56 6.03
N ALA B 198 12.68 27.37 6.63
CA ALA B 198 12.77 26.94 8.04
C ALA B 198 12.11 28.01 8.93
N SER B 199 12.42 29.27 8.67
CA SER B 199 11.80 30.43 9.38
C SER B 199 10.29 30.39 9.13
N LEU B 200 9.87 30.23 7.89
CA LEU B 200 8.42 30.18 7.55
C LEU B 200 7.74 29.05 8.32
N ILE B 201 8.37 27.88 8.38
CA ILE B 201 7.77 26.69 9.07
C ILE B 201 7.51 27.02 10.53
N MET B 202 8.40 27.72 11.22
CA MET B 202 8.14 28.01 12.64
C MET B 202 6.89 28.87 12.79
N GLN B 203 6.52 29.65 11.77
CA GLN B 203 5.35 30.57 11.83
C GLN B 203 4.06 29.88 11.36
N THR B 204 4.13 28.71 10.73
CA THR B 204 2.97 28.13 9.98
C THR B 204 2.72 26.66 10.31
N HIS B 205 3.56 26.01 11.13
CA HIS B 205 3.51 24.53 11.32
C HIS B 205 2.08 24.07 11.64
N GLN B 206 1.31 24.87 12.37
CA GLN B 206 -0.05 24.51 12.87
C GLN B 206 -1.03 24.41 11.71
N SER B 207 -0.65 24.93 10.53
CA SER B 207 -1.54 25.06 9.35
C SER B 207 -1.12 24.09 8.25
N LEU B 208 0.02 23.38 8.39
CA LEU B 208 0.63 22.66 7.23
C LEU B 208 0.24 21.18 7.25
N ALA B 209 -0.21 20.70 6.11
CA ALA B 209 -0.37 19.25 5.84
C ALA B 209 1.03 18.59 5.78
N TRP B 210 1.92 19.15 4.98
CA TRP B 210 3.31 18.64 4.90
C TRP B 210 4.26 19.67 4.31
N VAL B 211 5.54 19.41 4.57
CA VAL B 211 6.69 20.06 3.93
C VAL B 211 7.38 18.99 3.09
N GLY B 212 7.40 19.19 1.77
CA GLY B 212 7.98 18.24 0.81
C GLY B 212 9.32 18.73 0.37
N ILE B 213 10.38 17.98 0.69
CA ILE B 213 11.75 18.44 0.42
C ILE B 213 12.16 18.03 -1.01
N GLN B 214 12.64 19.00 -1.78
CA GLN B 214 13.19 18.74 -3.13
C GLN B 214 14.60 18.13 -2.99
N LEU B 215 14.68 16.80 -2.97
CA LEU B 215 15.98 16.11 -2.79
C LEU B 215 16.66 15.90 -4.15
N TYR B 216 16.88 17.00 -4.87
CA TYR B 216 17.47 17.02 -6.22
C TYR B 216 17.75 18.48 -6.58
N ASN B 217 18.48 18.67 -7.68
CA ASN B 217 18.78 20.01 -8.27
C ASN B 217 19.43 20.88 -7.18
N THR B 218 20.43 20.36 -6.49
CA THR B 218 21.04 21.08 -5.36
C THR B 218 22.46 20.59 -5.12
N GLY B 219 23.33 21.47 -4.64
CA GLY B 219 24.55 21.02 -3.96
C GLY B 219 24.26 20.47 -2.57
N CYS B 220 25.30 20.10 -1.85
CA CYS B 220 25.09 19.56 -0.49
C CYS B 220 24.58 20.69 0.41
N ALA B 221 23.90 20.31 1.48
CA ALA B 221 23.53 21.21 2.59
C ALA B 221 23.75 20.47 3.91
N PHE B 222 23.73 21.19 5.03
CA PHE B 222 24.19 20.61 6.31
C PHE B 222 23.09 19.83 7.00
N GLY B 223 23.47 18.68 7.54
CA GLY B 223 22.72 18.01 8.62
C GLY B 223 23.00 18.71 9.94
N ILE B 224 22.29 18.34 10.98
CA ILE B 224 22.50 18.94 12.32
C ILE B 224 23.81 18.42 12.90
N ASP B 225 24.45 17.44 12.26
CA ASP B 225 25.79 16.93 12.62
C ASP B 225 26.91 17.76 11.98
N GLN B 226 26.59 18.83 11.26
CA GLN B 226 27.57 19.75 10.62
C GLN B 226 28.25 19.07 9.42
N VAL B 227 27.67 17.99 8.91
CA VAL B 227 28.19 17.30 7.69
C VAL B 227 27.34 17.76 6.50
N CYS B 228 27.98 18.04 5.36
CA CYS B 228 27.31 18.54 4.14
C CYS B 228 26.94 17.32 3.28
N TYR B 229 25.65 17.06 3.11
CA TYR B 229 25.10 15.89 2.37
C TYR B 229 24.42 16.42 1.11
N GLY B 230 24.70 15.78 -0.01
CA GLY B 230 24.00 16.12 -1.26
C GLY B 230 23.37 14.86 -1.86
N PRO B 231 22.60 15.01 -2.95
CA PRO B 231 21.89 13.88 -3.52
C PRO B 231 22.82 12.80 -4.08
N THR B 232 24.03 13.13 -4.50
CA THR B 232 25.04 12.12 -4.86
C THR B 232 25.92 11.90 -3.64
N PRO B 233 26.24 10.64 -3.28
CA PRO B 233 25.87 9.46 -4.06
C PRO B 233 24.45 8.94 -3.77
N THR B 234 23.77 8.40 -4.79
CA THR B 234 22.33 8.04 -4.67
C THR B 234 22.13 6.64 -4.10
N ASP B 235 23.21 5.93 -3.74
CA ASP B 235 23.15 4.53 -3.24
C ASP B 235 23.17 4.51 -1.71
N THR B 236 23.01 5.67 -1.06
CA THR B 236 22.84 5.73 0.41
C THR B 236 21.71 6.69 0.72
N PRO B 237 20.91 6.42 1.76
CA PRO B 237 19.83 7.34 2.12
C PRO B 237 20.26 8.55 2.96
N ASP B 238 21.56 8.68 3.26
CA ASP B 238 22.09 9.72 4.20
C ASP B 238 21.50 11.08 3.89
N PHE B 239 21.53 11.51 2.63
CA PHE B 239 21.06 12.88 2.25
C PHE B 239 19.59 13.05 2.65
N SER B 240 18.74 12.14 2.16
CA SER B 240 17.28 12.15 2.41
C SER B 240 17.01 12.19 3.91
N VAL B 241 17.70 11.33 4.65
CA VAL B 241 17.52 11.22 6.12
C VAL B 241 18.00 12.49 6.81
N ALA B 242 19.19 13.00 6.48
CA ALA B 242 19.73 14.20 7.16
C ALA B 242 18.81 15.41 6.92
N MET B 243 18.28 15.57 5.71
CA MET B 243 17.43 16.74 5.37
C MET B 243 16.10 16.64 6.14
N ALA B 244 15.47 15.47 6.17
CA ALA B 244 14.24 15.26 6.95
C ALA B 244 14.53 15.57 8.43
N THR B 245 15.67 15.08 8.93
CA THR B 245 16.07 15.26 10.34
C THR B 245 16.19 16.76 10.63
N ASP B 246 16.75 17.54 9.68
CA ASP B 246 16.89 19.00 9.88
C ASP B 246 15.51 19.64 10.16
N LEU B 247 14.43 19.10 9.60
CA LEU B 247 13.09 19.66 9.88
C LEU B 247 12.52 19.14 11.21
N LEU B 248 12.91 17.93 11.63
CA LEU B 248 12.32 17.24 12.82
C LEU B 248 13.08 17.53 14.11
N GLU B 249 14.21 18.23 14.04
CA GLU B 249 15.06 18.51 15.22
C GLU B 249 15.38 20.00 15.32
N ASN B 250 15.52 20.48 16.55
CA ASN B 250 16.06 21.82 16.83
C ASN B 250 17.49 21.88 16.27
N TRP B 251 17.90 23.00 15.71
CA TRP B 251 19.30 23.12 15.22
C TRP B 251 20.18 23.49 16.41
N PRO B 252 21.18 22.65 16.74
CA PRO B 252 22.01 22.91 17.92
C PRO B 252 22.99 24.06 17.69
N ALA B 253 23.21 24.89 18.71
CA ALA B 253 24.18 26.01 18.67
C ALA B 253 25.60 25.42 18.79
N THR B 254 25.72 24.27 19.44
CA THR B 254 27.01 23.60 19.69
C THR B 254 26.88 22.13 19.32
N VAL B 255 27.90 21.57 18.70
CA VAL B 255 28.01 20.11 18.42
C VAL B 255 29.39 19.69 18.89
N ASN B 256 29.45 18.84 19.91
CA ASN B 256 30.72 18.25 20.42
C ASN B 256 31.73 19.37 20.69
N GLY B 257 31.34 20.36 21.48
CA GLY B 257 32.22 21.44 21.95
C GLY B 257 32.51 22.50 20.88
N ARG B 258 31.90 22.43 19.70
CA ARG B 258 32.17 23.39 18.60
C ARG B 258 30.93 24.23 18.31
N PRO B 259 31.10 25.54 18.04
CA PRO B 259 29.96 26.35 17.60
C PRO B 259 29.57 26.02 16.16
N THR B 260 28.27 25.88 15.94
CA THR B 260 27.72 25.56 14.59
C THR B 260 27.46 26.84 13.81
N GLY B 261 27.14 27.94 14.49
CA GLY B 261 26.53 29.15 13.89
C GLY B 261 25.12 28.93 13.38
N PHE B 262 24.48 27.80 13.68
CA PHE B 262 23.12 27.50 13.16
C PHE B 262 22.11 28.51 13.70
N GLN B 263 21.18 28.92 12.84
CA GLN B 263 20.02 29.71 13.27
C GLN B 263 19.24 28.89 14.30
N PRO B 264 18.49 29.58 15.20
CA PRO B 264 17.78 28.89 16.29
C PRO B 264 16.45 28.29 15.82
N TYR B 265 16.51 27.39 14.86
CA TYR B 265 15.34 26.61 14.42
C TYR B 265 14.90 25.68 15.54
N ILE B 266 13.63 25.78 15.87
CA ILE B 266 12.92 24.88 16.82
C ILE B 266 11.96 24.06 15.95
N SER B 267 12.02 22.74 16.05
CA SER B 267 11.12 21.84 15.29
C SER B 267 9.77 21.74 16.01
N TYR B 268 8.72 22.14 15.32
CA TYR B 268 7.31 21.98 15.74
C TYR B 268 6.61 21.00 14.81
N LEU B 269 7.32 20.36 13.88
CA LEU B 269 6.68 19.45 12.90
C LEU B 269 6.59 18.03 13.47
N ARG B 270 5.52 17.33 13.09
CA ARG B 270 5.36 15.88 13.33
C ARG B 270 5.90 15.15 12.12
N PRO B 271 6.33 13.89 12.29
CA PRO B 271 6.81 13.08 11.18
C PRO B 271 5.82 13.01 9.99
N SER B 272 4.53 13.00 10.28
CA SER B 272 3.48 12.94 9.23
C SER B 272 3.51 14.21 8.37
N GLN B 273 4.14 15.31 8.83
CA GLN B 273 4.26 16.57 8.07
C GLN B 273 5.54 16.58 7.22
N ILE B 274 6.29 15.48 7.19
CA ILE B 274 7.54 15.39 6.39
C ILE B 274 7.32 14.50 5.18
N VAL B 275 7.56 15.06 4.02
CA VAL B 275 7.52 14.35 2.73
C VAL B 275 8.88 14.51 2.02
N ILE B 276 9.35 13.41 1.44
CA ILE B 276 10.63 13.39 0.70
C ILE B 276 10.31 13.32 -0.80
N GLY B 277 10.89 14.25 -1.54
CA GLY B 277 10.57 14.53 -2.96
C GLY B 277 11.73 14.21 -3.87
N TYR B 278 11.43 13.61 -5.02
CA TYR B 278 12.44 13.14 -5.98
C TYR B 278 11.99 13.34 -7.41
N PRO B 279 12.93 13.33 -8.37
CA PRO B 279 12.59 13.25 -9.80
C PRO B 279 12.23 11.80 -10.10
N SER B 280 11.13 11.58 -10.79
CA SER B 280 10.80 10.23 -11.32
C SER B 280 11.46 10.04 -12.67
N PRO B 281 12.06 8.86 -12.91
CA PRO B 281 12.59 8.55 -14.22
C PRO B 281 11.50 8.03 -15.16
N ASN B 282 11.71 8.23 -16.45
CA ASN B 282 10.91 7.57 -17.51
C ASN B 282 11.54 6.20 -17.78
N ALA B 283 11.00 5.45 -18.73
CA ALA B 283 11.42 4.07 -19.03
C ALA B 283 12.88 4.04 -19.50
N SER B 284 13.40 5.15 -20.02
CA SER B 284 14.78 5.27 -20.57
C SER B 284 15.75 5.74 -19.48
N GLY B 285 15.27 6.06 -18.28
CA GLY B 285 16.10 6.63 -17.20
C GLY B 285 16.22 8.14 -17.29
N GLY B 286 15.55 8.78 -18.26
CA GLY B 286 15.45 10.25 -18.36
C GLY B 286 14.61 10.82 -17.23
N SER B 287 14.82 12.10 -16.89
CA SER B 287 14.13 12.76 -15.76
C SER B 287 14.11 14.26 -15.98
N ASP B 288 13.22 14.96 -15.30
CA ASP B 288 13.24 16.44 -15.21
C ASP B 288 13.69 16.81 -13.78
N GLY B 289 14.96 16.67 -13.51
CA GLY B 289 15.52 16.81 -12.15
C GLY B 289 16.62 15.79 -12.00
N SER B 290 17.71 16.17 -11.34
CA SER B 290 18.96 15.37 -11.30
C SER B 290 19.58 15.51 -9.92
N PRO B 291 20.21 14.45 -9.38
CA PRO B 291 20.19 13.10 -9.96
C PRO B 291 18.90 12.35 -9.56
N VAL B 292 18.67 11.19 -10.19
CA VAL B 292 17.53 10.30 -9.84
C VAL B 292 18.00 9.40 -8.72
N THR B 293 17.31 9.43 -7.59
CA THR B 293 17.53 8.50 -6.46
C THR B 293 16.65 7.29 -6.70
N PRO B 294 17.20 6.07 -6.66
CA PRO B 294 16.41 4.88 -6.95
C PRO B 294 15.43 4.61 -5.79
N THR B 295 14.35 3.92 -6.09
CA THR B 295 13.32 3.60 -5.06
C THR B 295 13.93 2.76 -3.93
N THR B 296 14.92 1.91 -4.18
CA THR B 296 15.58 1.13 -3.11
C THR B 296 16.16 2.10 -2.07
N THR B 297 16.76 3.21 -2.49
CA THR B 297 17.35 4.20 -1.54
C THR B 297 16.22 4.94 -0.83
N ILE B 298 15.15 5.26 -1.53
CA ILE B 298 14.00 6.00 -0.92
C ILE B 298 13.40 5.13 0.20
N LYS B 299 13.23 3.83 -0.05
CA LYS B 299 12.70 2.90 0.97
C LYS B 299 13.65 2.88 2.17
N ARG B 300 14.97 2.84 1.92
CA ARG B 300 15.97 2.87 3.03
C ARG B 300 15.80 4.15 3.86
N ALA B 301 15.58 5.29 3.21
CA ALA B 301 15.43 6.58 3.92
C ALA B 301 14.22 6.50 4.85
N ILE B 302 13.09 6.01 4.35
CA ILE B 302 11.85 5.93 5.16
C ILE B 302 12.06 4.95 6.32
N GLN B 303 12.66 3.80 6.05
CA GLN B 303 12.91 2.76 7.08
C GLN B 303 13.85 3.35 8.14
N CYS B 304 14.85 4.11 7.70
CA CYS B 304 15.85 4.77 8.59
C CYS B 304 15.15 5.80 9.49
N LEU B 305 14.34 6.68 8.91
CA LEU B 305 13.59 7.67 9.72
C LEU B 305 12.65 6.94 10.68
N LYS B 306 12.10 5.82 10.24
CA LYS B 306 11.10 5.04 11.04
C LYS B 306 11.78 4.49 12.30
N THR B 307 12.95 3.88 12.15
CA THR B 307 13.56 2.98 13.17
C THR B 307 14.85 3.55 13.78
N ALA B 308 15.59 4.37 13.05
CA ALA B 308 16.93 4.88 13.45
C ALA B 308 17.85 3.70 13.75
N ILE B 309 17.68 2.59 13.02
CA ILE B 309 18.57 1.39 13.08
C ILE B 309 19.20 1.23 11.71
N ALA B 310 20.53 1.29 11.64
CA ALA B 310 21.31 1.15 10.38
C ALA B 310 21.26 -0.31 9.91
N GLY B 311 21.25 -0.48 8.59
CA GLY B 311 21.26 -1.79 7.93
C GLY B 311 21.04 -1.63 6.45
N ASN B 312 21.15 -2.71 5.67
CA ASN B 312 21.15 -2.59 4.18
C ASN B 312 19.74 -2.23 3.68
N THR B 313 18.70 -2.31 4.52
CA THR B 313 17.31 -1.86 4.17
C THR B 313 16.94 -0.58 4.93
N SER B 314 17.90 0.03 5.62
CA SER B 314 17.64 1.14 6.57
C SER B 314 18.91 1.98 6.55
N CYS B 315 19.17 2.76 7.61
CA CYS B 315 20.18 3.86 7.60
C CYS B 315 21.50 3.37 6.99
N GLY B 316 22.18 4.29 6.30
CA GLY B 316 23.61 4.15 5.98
C GLY B 316 24.43 4.65 7.16
N VAL B 317 25.49 5.41 6.89
CA VAL B 317 26.38 5.93 7.96
C VAL B 317 25.60 6.95 8.81
N TYR B 318 24.74 7.77 8.19
CA TYR B 318 23.98 8.80 8.94
C TYR B 318 22.79 8.14 9.64
N VAL B 319 22.75 8.25 10.96
CA VAL B 319 21.61 7.75 11.77
C VAL B 319 21.01 8.95 12.52
N PRO B 320 19.69 9.20 12.41
CA PRO B 320 19.08 10.33 13.10
C PRO B 320 19.13 10.13 14.61
N PRO B 321 18.95 11.21 15.41
CA PRO B 321 19.12 11.10 16.85
C PRO B 321 18.00 10.32 17.56
N ARG B 322 16.92 10.00 16.86
CA ARG B 322 15.83 9.17 17.42
C ARG B 322 15.04 8.55 16.27
N ALA B 323 14.23 7.54 16.58
CA ALA B 323 13.25 6.90 15.68
C ALA B 323 12.03 7.82 15.59
N TYR B 324 11.55 8.13 14.39
CA TYR B 324 10.40 9.05 14.17
C TYR B 324 9.12 8.27 13.89
N GLY B 325 9.19 6.97 13.61
CA GLY B 325 8.07 6.22 13.04
C GLY B 325 7.78 6.70 11.62
N ASN B 326 6.57 6.49 11.14
CA ASN B 326 6.22 6.72 9.71
C ASN B 326 6.22 8.22 9.41
N ILE B 327 6.89 8.62 8.36
CA ILE B 327 6.81 10.02 7.87
C ILE B 327 5.58 10.15 6.94
N GLY B 328 5.44 11.32 6.34
CA GLY B 328 4.24 11.70 5.60
C GLY B 328 4.19 11.10 4.21
N GLY B 329 5.31 10.58 3.69
CA GLY B 329 5.33 9.91 2.38
C GLY B 329 6.33 10.54 1.41
N VAL B 330 6.03 10.43 0.11
CA VAL B 330 6.99 10.74 -0.97
C VAL B 330 6.25 11.56 -2.02
N PHE B 331 6.99 12.39 -2.75
CA PHE B 331 6.45 12.99 -4.00
C PHE B 331 7.43 12.71 -5.11
N ASN B 332 6.93 12.77 -6.35
CA ASN B 332 7.82 12.87 -7.52
C ASN B 332 7.42 14.03 -8.39
N TRP B 333 8.46 14.65 -8.93
CA TRP B 333 8.40 15.54 -10.11
C TRP B 333 8.89 14.69 -11.28
N GLU B 334 8.01 14.32 -12.23
CA GLU B 334 6.59 14.58 -12.27
C GLU B 334 5.92 13.40 -12.99
N VAL B 335 4.59 13.31 -12.92
CA VAL B 335 3.89 12.01 -13.14
C VAL B 335 3.97 11.58 -14.61
N THR B 336 4.25 12.45 -15.57
CA THR B 336 4.34 12.02 -16.99
C THR B 336 5.61 11.18 -17.17
N TYR B 337 6.68 11.46 -16.43
CA TYR B 337 7.88 10.58 -16.41
C TYR B 337 7.49 9.23 -15.81
N ASP B 338 6.84 9.25 -14.64
CA ASP B 338 6.46 8.00 -13.94
C ASP B 338 5.54 7.17 -14.83
N LYS B 339 4.55 7.80 -15.47
CA LYS B 339 3.63 7.09 -16.40
C LYS B 339 4.43 6.33 -17.46
N ASN B 340 5.39 7.01 -18.09
CA ASN B 340 6.24 6.41 -19.14
C ASN B 340 6.99 5.19 -18.58
N ASN B 341 7.32 5.21 -17.29
CA ASN B 341 7.98 4.09 -16.58
C ASN B 341 6.94 3.19 -15.89
N GLN B 342 5.74 3.07 -16.46
CA GLN B 342 4.68 2.15 -15.98
C GLN B 342 4.40 2.41 -14.49
N PHE B 343 4.53 3.67 -14.06
CA PHE B 343 4.25 4.12 -12.67
C PHE B 343 5.06 3.33 -11.64
N LYS B 344 6.28 2.91 -11.99
CA LYS B 344 7.16 2.16 -11.06
C LYS B 344 7.51 2.98 -9.81
N PHE B 345 7.57 4.32 -9.88
CA PHE B 345 7.88 5.12 -8.66
C PHE B 345 6.78 4.87 -7.62
N ALA B 346 5.53 5.07 -8.00
CA ALA B 346 4.37 4.90 -7.10
C ALA B 346 4.24 3.43 -6.68
N LYS B 347 4.34 2.51 -7.65
CA LYS B 347 4.07 1.08 -7.38
C LYS B 347 5.15 0.51 -6.44
N GLU B 348 6.41 0.88 -6.66
CA GLU B 348 7.53 0.35 -5.83
C GLU B 348 7.52 0.97 -4.44
N LEU B 349 6.96 2.17 -4.27
CA LEU B 349 7.01 2.88 -2.97
C LEU B 349 5.69 2.79 -2.20
N LYS B 350 4.62 2.27 -2.77
CA LYS B 350 3.28 2.26 -2.13
C LYS B 350 3.35 1.71 -0.69
N ASN B 351 3.87 0.50 -0.50
CA ASN B 351 3.81 -0.15 0.84
C ASN B 351 4.62 0.69 1.82
N CYS B 352 5.77 1.21 1.35
CA CYS B 352 6.74 1.91 2.22
C CYS B 352 6.23 3.34 2.51
N ALA B 353 5.87 4.12 1.49
CA ALA B 353 5.40 5.51 1.68
C ALA B 353 4.05 5.53 2.42
N ILE B 354 3.12 4.62 2.10
CA ILE B 354 1.74 4.67 2.67
C ILE B 354 1.71 4.04 4.06
N ASN B 355 2.34 2.87 4.23
CA ASN B 355 2.12 2.02 5.42
C ASN B 355 3.40 1.83 6.24
N GLY B 356 4.55 2.33 5.78
CA GLY B 356 5.84 2.16 6.48
C GLY B 356 6.36 0.74 6.42
N VAL B 357 5.89 -0.02 5.44
CA VAL B 357 6.35 -1.42 5.18
C VAL B 357 7.41 -1.36 4.07
N CYS B 358 8.68 -1.40 4.45
CA CYS B 358 9.80 -0.88 3.61
C CYS B 358 10.82 -1.95 3.27
N GLU B 359 10.52 -3.24 3.48
CA GLU B 359 11.29 -4.38 2.88
C GLU B 359 11.52 -4.14 1.38
#